data_2HIH
#
_entry.id   2HIH
#
_cell.length_a   73.310
_cell.length_b   77.960
_cell.length_c   169.810
_cell.angle_alpha   90.00
_cell.angle_beta   90.00
_cell.angle_gamma   90.00
#
_symmetry.space_group_name_H-M   'P 21 21 21'
#
loop_
_entity.id
_entity.type
_entity.pdbx_description
1 polymer 'Lipase 46 kDa form'
2 non-polymer 'ZINC ION'
3 non-polymer 'CALCIUM ION'
4 water water
#
_entity_poly.entity_id   1
_entity_poly.type   'polypeptide(L)'
_entity_poly.pdbx_seq_one_letter_code
;MARIRARGSSRVDVPKENTTAQNKFTSQASDKKPTVKAAPEAVQNPENPKNKDPFVFVHGFTGFVGEVAAKGENYWGGTK
ANLRNHLRKAGYETYEASVSALASNHERAVELYYYLKGGRVDYGAAHSEKYGHERYGKTYEGVLKDWKPGHPVHFIGHSM
GGQTIRLLEHYLRFGDKAEIAYQQQHGGIISELFKGGQDNMVTSITTIATPHNGTHASDDIGNTPTIRNILYSFAQMSSH
LGTIDFGMDHWGFKRKDGESLTDYNKRIAESKIWDSEDTGLYDLTREGAEKINQKTELNPNIYYKTYTGVATHETQLGKH
IADLGMEFTKILTGNYIGSVDDILWRPNDGLVSEISSQHPSDEKNISVDENSELHKGTWQVMPTMKGWDHSDFIGNDALD
TKHSAIELTNFYHSISDYLMRIEKAESTKNA
;
_entity_poly.pdbx_strand_id   A,B
#
loop_
_chem_comp.id
_chem_comp.type
_chem_comp.name
_chem_comp.formula
CA non-polymer 'CALCIUM ION' 'Ca 2'
ZN non-polymer 'ZINC ION' 'Zn 2'
#
# COMPACT_ATOMS: atom_id res chain seq x y z
N ALA A 42 29.31 -10.10 -6.18
CA ALA A 42 30.13 -11.07 -5.41
C ALA A 42 31.39 -10.44 -4.76
N VAL A 43 32.08 -9.55 -5.48
CA VAL A 43 33.45 -9.16 -5.12
C VAL A 43 33.61 -8.53 -3.73
N GLN A 44 34.65 -8.95 -3.01
CA GLN A 44 34.94 -8.44 -1.67
C GLN A 44 35.65 -7.09 -1.74
N ASN A 45 35.81 -6.43 -0.61
CA ASN A 45 36.60 -5.20 -0.56
C ASN A 45 38.07 -5.52 -0.83
N PRO A 46 38.83 -4.52 -1.32
CA PRO A 46 40.25 -4.76 -1.62
C PRO A 46 41.11 -4.98 -0.38
N GLU A 47 42.14 -5.81 -0.51
CA GLU A 47 43.16 -5.97 0.52
C GLU A 47 43.80 -4.62 0.79
N ASN A 48 44.21 -3.97 -0.29
CA ASN A 48 44.92 -2.70 -0.25
C ASN A 48 44.14 -1.62 -1.03
N PRO A 49 43.20 -0.94 -0.36
CA PRO A 49 42.29 -0.01 -1.04
C PRO A 49 42.92 1.35 -1.36
N LYS A 50 42.52 1.94 -2.47
CA LYS A 50 43.09 3.20 -2.94
C LYS A 50 42.67 4.37 -2.06
N ASN A 51 41.54 4.22 -1.37
CA ASN A 51 41.06 5.26 -0.44
C ASN A 51 41.33 4.85 1.01
N LYS A 52 41.66 5.82 1.85
CA LYS A 52 41.91 5.54 3.26
C LYS A 52 40.64 5.74 4.08
N ASP A 53 39.67 6.43 3.51
CA ASP A 53 38.37 6.60 4.15
C ASP A 53 37.35 5.85 3.32
N PRO A 54 36.72 4.82 3.91
CA PRO A 54 35.73 4.02 3.19
C PRO A 54 34.55 4.85 2.66
N PHE A 55 34.06 4.51 1.47
CA PHE A 55 32.86 5.11 0.93
C PHE A 55 31.64 4.40 1.48
N VAL A 56 30.82 5.11 2.25
CA VAL A 56 29.60 4.53 2.78
C VAL A 56 28.40 5.12 2.06
N PHE A 57 27.65 4.27 1.37
CA PHE A 57 26.48 4.70 0.61
C PHE A 57 25.22 4.52 1.44
N VAL A 58 24.34 5.51 1.39
CA VAL A 58 23.13 5.50 2.20
C VAL A 58 21.90 5.67 1.30
N HIS A 59 21.13 4.60 1.20
CA HIS A 59 19.93 4.61 0.38
C HIS A 59 18.86 5.52 0.99
N GLY A 60 17.74 5.68 0.29
CA GLY A 60 16.72 6.64 0.66
C GLY A 60 15.41 6.04 1.11
N PHE A 61 14.32 6.75 0.83
CA PHE A 61 12.99 6.33 1.22
C PHE A 61 12.53 5.12 0.40
N THR A 62 11.99 4.12 1.09
CA THR A 62 11.56 2.87 0.45
C THR A 62 12.73 2.13 -0.21
N GLY A 63 13.93 2.34 0.31
CA GLY A 63 15.12 1.67 -0.21
C GLY A 63 15.49 0.44 0.60
N PHE A 64 15.90 -0.61 -0.11
CA PHE A 64 16.29 -1.86 0.52
C PHE A 64 17.62 -2.31 -0.07
N VAL A 65 18.61 -2.59 0.78
CA VAL A 65 19.89 -3.10 0.31
C VAL A 65 20.27 -4.35 1.09
N GLY A 66 21.19 -5.12 0.54
CA GLY A 66 21.69 -6.31 1.20
C GLY A 66 20.62 -7.36 1.40
N GLU A 67 20.49 -7.85 2.63
CA GLU A 67 19.64 -9.00 2.92
C GLU A 67 18.30 -8.62 3.56
N VAL A 68 17.82 -7.43 3.23
CA VAL A 68 16.40 -7.08 3.45
C VAL A 68 15.78 -6.79 2.10
N ALA A 69 16.57 -6.90 1.05
CA ALA A 69 16.10 -6.71 -0.31
C ALA A 69 15.50 -8.02 -0.80
N ALA A 70 14.90 -7.98 -1.98
CA ALA A 70 14.21 -9.14 -2.55
C ALA A 70 15.06 -9.80 -3.62
N LYS A 71 14.61 -10.99 -4.03
CA LYS A 71 15.22 -11.77 -5.11
C LYS A 71 16.46 -11.10 -5.70
N GLY A 72 16.28 -10.25 -6.71
CA GLY A 72 17.40 -9.62 -7.39
C GLY A 72 17.29 -8.11 -7.51
N GLU A 73 16.55 -7.48 -6.60
CA GLU A 73 16.47 -6.02 -6.63
C GLU A 73 17.81 -5.45 -6.15
N ASN A 74 18.32 -4.49 -6.91
CA ASN A 74 19.58 -3.83 -6.60
C ASN A 74 19.33 -2.32 -6.53
N TYR A 75 19.40 -1.75 -5.33
CA TYR A 75 19.12 -0.32 -5.17
C TYR A 75 20.18 0.50 -5.91
N TRP A 76 21.43 0.29 -5.56
CA TRP A 76 22.53 1.04 -6.14
C TRP A 76 22.98 0.45 -7.47
N GLY A 77 22.25 0.76 -8.53
CA GLY A 77 22.61 0.33 -9.87
C GLY A 77 21.46 -0.25 -10.68
N GLY A 78 20.45 -0.78 -9.99
CA GLY A 78 19.30 -1.40 -10.65
C GLY A 78 19.73 -2.58 -11.49
N THR A 79 19.11 -2.71 -12.67
CA THR A 79 19.46 -3.76 -13.62
C THR A 79 20.65 -3.35 -14.48
N LYS A 80 20.99 -2.06 -14.45
CA LYS A 80 21.98 -1.51 -15.37
C LYS A 80 23.40 -1.78 -14.91
N ALA A 81 23.65 -1.74 -13.60
CA ALA A 81 24.99 -2.01 -13.09
C ALA A 81 25.00 -2.42 -11.63
N ASN A 82 26.06 -3.12 -11.24
CA ASN A 82 26.31 -3.41 -9.83
C ASN A 82 27.43 -2.50 -9.36
N LEU A 83 27.04 -1.36 -8.78
CA LEU A 83 28.01 -0.33 -8.41
C LEU A 83 28.96 -0.76 -7.30
N ARG A 84 28.52 -1.70 -6.45
CA ARG A 84 29.39 -2.19 -5.39
C ARG A 84 30.52 -3.01 -5.99
N ASN A 85 30.17 -3.91 -6.91
CA ASN A 85 31.16 -4.70 -7.63
C ASN A 85 32.13 -3.84 -8.43
N HIS A 86 31.60 -2.78 -9.02
CA HIS A 86 32.37 -1.94 -9.93
C HIS A 86 33.39 -1.07 -9.18
N LEU A 87 32.94 -0.43 -8.10
CA LEU A 87 33.81 0.39 -7.26
C LEU A 87 34.89 -0.43 -6.56
N ARG A 88 34.56 -1.65 -6.14
CA ARG A 88 35.50 -2.51 -5.45
C ARG A 88 36.51 -3.14 -6.40
N LYS A 89 36.06 -3.51 -7.60
CA LYS A 89 36.96 -3.97 -8.66
C LYS A 89 37.89 -2.84 -9.09
N ALA A 90 37.44 -1.61 -8.90
CA ALA A 90 38.23 -0.44 -9.24
C ALA A 90 39.25 -0.08 -8.16
N GLY A 91 39.20 -0.78 -7.02
CA GLY A 91 40.20 -0.59 -5.96
C GLY A 91 39.73 0.13 -4.71
N TYR A 92 38.44 0.46 -4.63
CA TYR A 92 37.90 1.22 -3.49
C TYR A 92 37.21 0.35 -2.46
N GLU A 93 37.33 0.76 -1.20
CA GLU A 93 36.62 0.11 -0.10
C GLU A 93 35.27 0.77 0.12
N THR A 94 34.19 0.05 -0.20
CA THR A 94 32.84 0.60 -0.12
C THR A 94 31.91 -0.26 0.73
N TYR A 95 30.85 0.35 1.22
CA TYR A 95 29.80 -0.34 1.96
C TYR A 95 28.45 0.28 1.60
N GLU A 96 27.41 -0.56 1.59
CA GLU A 96 26.04 -0.09 1.38
C GLU A 96 25.26 -0.26 2.68
N ALA A 97 24.99 0.86 3.35
CA ALA A 97 24.31 0.83 4.64
C ALA A 97 22.87 0.32 4.48
N SER A 98 22.38 -0.35 5.52
CA SER A 98 21.01 -0.85 5.53
C SER A 98 20.24 -0.21 6.68
N VAL A 99 19.33 0.70 6.33
CA VAL A 99 18.51 1.41 7.31
C VAL A 99 17.04 1.28 6.94
N SER A 100 16.16 1.67 7.87
CA SER A 100 14.73 1.53 7.67
C SER A 100 14.24 2.24 6.43
N ALA A 101 13.27 1.66 5.76
CA ALA A 101 12.72 2.21 4.52
C ALA A 101 11.78 3.39 4.79
N LEU A 102 10.94 3.26 5.82
CA LEU A 102 9.90 4.25 6.08
C LEU A 102 10.14 5.10 7.33
N ALA A 103 11.12 4.72 8.15
CA ALA A 103 11.33 5.38 9.43
C ALA A 103 11.87 6.80 9.26
N SER A 104 11.87 7.55 10.36
CA SER A 104 12.36 8.92 10.35
C SER A 104 13.88 8.96 10.17
N ASN A 105 14.39 10.14 9.86
CA ASN A 105 15.83 10.33 9.72
C ASN A 105 16.56 10.12 11.04
N HIS A 106 15.88 10.41 12.15
CA HIS A 106 16.45 10.12 13.46
C HIS A 106 16.71 8.63 13.62
N GLU A 107 15.65 7.83 13.47
CA GLU A 107 15.76 6.37 13.47
C GLU A 107 16.88 5.89 12.55
N ARG A 108 16.87 6.36 11.31
CA ARG A 108 17.79 5.91 10.29
C ARG A 108 19.23 6.36 10.52
N ALA A 109 19.41 7.52 11.15
CA ALA A 109 20.75 8.04 11.42
C ALA A 109 21.41 7.21 12.51
N VAL A 110 20.60 6.78 13.47
CA VAL A 110 21.08 5.92 14.55
C VAL A 110 21.43 4.54 13.98
N GLU A 111 20.53 3.99 13.16
CA GLU A 111 20.75 2.70 12.54
C GLU A 111 22.04 2.69 11.71
N LEU A 112 22.35 3.84 11.10
CA LEU A 112 23.57 3.98 10.30
C LEU A 112 24.82 3.89 11.17
N TYR A 113 24.77 4.54 12.33
CA TYR A 113 25.87 4.50 13.29
C TYR A 113 26.17 3.08 13.71
N TYR A 114 25.13 2.33 14.07
CA TYR A 114 25.30 0.96 14.53
C TYR A 114 25.56 -0.01 13.38
N TYR A 115 25.12 0.33 12.18
CA TYR A 115 25.46 -0.46 11.00
C TYR A 115 26.97 -0.48 10.82
N LEU A 116 27.59 0.68 11.00
CA LEU A 116 29.04 0.79 10.88
C LEU A 116 29.72 0.28 12.13
N LYS A 117 29.35 0.82 13.28
CA LYS A 117 30.07 0.53 14.52
C LYS A 117 29.68 -0.78 15.17
N GLY A 118 28.50 -1.30 14.86
CA GLY A 118 28.03 -2.57 15.43
C GLY A 118 27.47 -2.40 16.82
N GLY A 119 26.44 -3.18 17.14
CA GLY A 119 25.80 -3.10 18.44
C GLY A 119 24.28 -3.12 18.32
N ARG A 120 23.61 -3.01 19.47
CA ARG A 120 22.16 -3.02 19.53
C ARG A 120 21.63 -1.60 19.39
N VAL A 121 20.83 -1.37 18.35
CA VAL A 121 20.29 -0.04 18.08
C VAL A 121 19.55 0.55 19.29
N ASP A 122 19.94 1.77 19.66
CA ASP A 122 19.32 2.51 20.75
C ASP A 122 18.84 3.87 20.21
N TYR A 123 17.54 3.98 19.96
CA TYR A 123 16.94 5.18 19.37
C TYR A 123 16.87 6.36 20.34
N GLY A 124 17.14 6.11 21.62
CA GLY A 124 17.12 7.14 22.65
C GLY A 124 15.92 6.98 23.57
N ALA A 125 16.15 7.04 24.88
CA ALA A 125 15.08 6.90 25.86
C ALA A 125 14.06 8.03 25.76
N ALA A 126 14.57 9.27 25.68
CA ALA A 126 13.70 10.45 25.62
C ALA A 126 12.93 10.52 24.30
N HIS A 127 13.65 10.37 23.19
CA HIS A 127 13.04 10.41 21.87
C HIS A 127 11.96 9.36 21.74
N SER A 128 12.24 8.15 22.21
CA SER A 128 11.31 7.03 22.13
C SER A 128 10.09 7.22 23.02
N GLU A 129 10.29 7.79 24.21
CA GLU A 129 9.19 8.09 25.10
C GLU A 129 8.27 9.14 24.47
N LYS A 130 8.88 10.21 23.96
CA LYS A 130 8.13 11.33 23.41
C LYS A 130 7.22 10.91 22.26
N TYR A 131 7.75 10.15 21.32
CA TYR A 131 6.99 9.79 20.13
C TYR A 131 6.17 8.51 20.31
N GLY A 132 6.43 7.78 21.40
CA GLY A 132 5.64 6.62 21.76
C GLY A 132 5.97 5.37 20.97
N HIS A 133 7.25 5.04 20.92
CA HIS A 133 7.67 3.81 20.26
C HIS A 133 8.82 3.11 21.00
N GLU A 134 9.14 1.91 20.55
CA GLU A 134 10.19 1.09 21.15
C GLU A 134 11.53 1.80 21.15
N ARG A 135 12.32 1.59 22.21
CA ARG A 135 13.61 2.24 22.37
C ARG A 135 14.72 1.50 21.61
N TYR A 136 14.65 0.18 21.62
CA TYR A 136 15.69 -0.64 21.03
C TYR A 136 15.23 -1.29 19.73
N GLY A 137 16.14 -1.32 18.75
CA GLY A 137 15.86 -1.90 17.45
C GLY A 137 16.69 -3.15 17.25
N LYS A 138 17.07 -3.41 16.00
CA LYS A 138 17.85 -4.60 15.67
C LYS A 138 19.25 -4.48 16.25
N THR A 139 20.08 -5.48 16.02
CA THR A 139 21.50 -5.39 16.34
C THR A 139 22.32 -5.73 15.11
N TYR A 140 23.15 -4.78 14.68
CA TYR A 140 24.04 -4.99 13.55
C TYR A 140 25.35 -5.57 14.04
N GLU A 141 26.06 -6.24 13.15
CA GLU A 141 27.36 -6.81 13.48
C GLU A 141 28.43 -5.74 13.52
N GLY A 142 28.43 -4.86 12.53
CA GLY A 142 29.40 -3.79 12.45
C GLY A 142 30.43 -4.06 11.37
N VAL A 143 30.31 -3.33 10.25
CA VAL A 143 31.21 -3.50 9.13
C VAL A 143 32.50 -2.68 9.29
N LEU A 144 32.45 -1.64 10.12
CA LEU A 144 33.62 -0.84 10.45
C LEU A 144 33.66 -0.56 11.94
N LYS A 145 34.08 -1.55 12.71
CA LYS A 145 34.13 -1.41 14.16
C LYS A 145 35.20 -0.39 14.57
N ASP A 146 36.20 -0.19 13.72
CA ASP A 146 37.30 0.73 13.98
C ASP A 146 36.94 2.21 13.77
N TRP A 147 35.75 2.45 13.24
CA TRP A 147 35.27 3.80 12.99
C TRP A 147 35.30 4.65 14.27
N LYS A 148 36.17 5.66 14.29
CA LYS A 148 36.31 6.55 15.44
C LYS A 148 37.01 7.82 14.96
N PRO A 149 37.08 8.85 15.83
CA PRO A 149 37.81 10.04 15.42
C PRO A 149 39.20 9.70 14.90
N GLY A 150 39.58 10.25 13.76
CA GLY A 150 40.89 9.98 13.18
C GLY A 150 40.87 8.96 12.06
N HIS A 151 39.86 8.08 12.08
CA HIS A 151 39.67 7.10 11.02
C HIS A 151 38.29 7.28 10.42
N PRO A 152 38.11 8.35 9.62
CA PRO A 152 36.81 8.78 9.13
C PRO A 152 36.30 8.05 7.88
N VAL A 153 35.18 8.53 7.37
CA VAL A 153 34.45 7.86 6.30
C VAL A 153 33.90 8.91 5.33
N HIS A 154 33.77 8.55 4.07
CA HIS A 154 33.04 9.36 3.09
C HIS A 154 31.57 8.90 3.06
N PHE A 155 30.65 9.82 3.36
CA PHE A 155 29.22 9.50 3.33
C PHE A 155 28.58 10.01 2.06
N ILE A 156 28.19 9.09 1.17
CA ILE A 156 27.42 9.45 -0.02
C ILE A 156 25.98 8.99 0.18
N GLY A 157 25.05 9.91 -0.01
CA GLY A 157 23.64 9.60 0.16
C GLY A 157 22.82 9.97 -1.07
N HIS A 158 21.80 9.16 -1.34
CA HIS A 158 20.86 9.42 -2.42
C HIS A 158 19.48 9.63 -1.83
N SER A 159 18.74 10.59 -2.37
CA SER A 159 17.37 10.84 -1.93
C SER A 159 17.38 11.14 -0.43
N MET A 160 16.51 10.49 0.34
CA MET A 160 16.43 10.75 1.79
C MET A 160 17.71 10.37 2.54
N GLY A 161 18.58 9.57 1.93
CA GLY A 161 19.85 9.21 2.53
C GLY A 161 20.71 10.41 2.84
N GLY A 162 20.57 11.46 2.04
CA GLY A 162 21.30 12.70 2.25
C GLY A 162 20.92 13.42 3.53
N GLN A 163 19.63 13.34 3.90
CA GLN A 163 19.16 13.89 5.16
C GLN A 163 19.68 13.08 6.33
N THR A 164 19.64 11.76 6.18
CA THR A 164 20.06 10.83 7.21
C THR A 164 21.52 11.04 7.56
N ILE A 165 22.35 11.26 6.55
CA ILE A 165 23.77 11.51 6.76
C ILE A 165 24.01 12.77 7.58
N ARG A 166 23.40 13.87 7.15
CA ARG A 166 23.51 15.14 7.85
C ARG A 166 23.07 15.06 9.31
N LEU A 167 22.04 14.28 9.57
CA LEU A 167 21.49 14.17 10.91
C LEU A 167 22.41 13.33 11.78
N LEU A 168 23.07 12.35 11.18
CA LEU A 168 24.04 11.53 11.90
C LEU A 168 25.26 12.34 12.30
N GLU A 169 25.78 13.13 11.36
CA GLU A 169 26.94 13.95 11.64
C GLU A 169 26.64 14.97 12.76
N HIS A 170 25.38 15.38 12.86
CA HIS A 170 24.97 16.31 13.91
C HIS A 170 25.06 15.64 15.28
N TYR A 171 24.46 14.46 15.40
CA TYR A 171 24.46 13.70 16.65
C TYR A 171 25.87 13.29 17.07
N LEU A 172 26.74 12.99 16.10
CA LEU A 172 28.12 12.66 16.40
C LEU A 172 28.81 13.82 17.08
N ARG A 173 28.62 15.01 16.54
CA ARG A 173 29.35 16.20 16.94
C ARG A 173 28.79 16.83 18.21
N PHE A 174 27.46 17.01 18.25
CA PHE A 174 26.80 17.70 19.36
C PHE A 174 26.04 16.76 20.28
N GLY A 175 25.79 15.53 19.84
CA GLY A 175 24.92 14.61 20.57
C GLY A 175 23.48 15.10 20.52
N ASP A 176 22.74 14.80 21.59
CA ASP A 176 21.37 15.27 21.72
C ASP A 176 21.17 15.73 23.16
N LYS A 177 20.95 17.02 23.34
CA LYS A 177 20.81 17.59 24.67
C LYS A 177 19.63 16.97 25.46
N ALA A 178 18.54 16.66 24.76
CA ALA A 178 17.37 16.05 25.41
C ALA A 178 17.68 14.69 26.02
N GLU A 179 18.50 13.89 25.34
CA GLU A 179 18.90 12.58 25.86
C GLU A 179 19.80 12.70 27.09
N ILE A 180 20.73 13.64 27.06
CA ILE A 180 21.63 13.87 28.20
C ILE A 180 20.83 14.35 29.41
N ALA A 181 19.87 15.24 29.17
CA ALA A 181 19.02 15.77 30.23
C ALA A 181 18.12 14.69 30.82
N TYR A 182 17.69 13.78 29.95
CA TYR A 182 16.80 12.71 30.37
C TYR A 182 17.51 11.73 31.29
N GLN A 183 18.74 11.37 30.96
CA GLN A 183 19.50 10.41 31.78
C GLN A 183 20.14 11.08 32.99
N GLN A 184 20.25 12.41 32.96
CA GLN A 184 20.65 13.17 34.14
C GLN A 184 19.50 13.10 35.15
N GLN A 185 18.29 13.21 34.64
CA GLN A 185 17.07 13.27 35.43
C GLN A 185 16.64 11.89 35.94
N HIS A 186 16.69 10.89 35.07
CA HIS A 186 16.13 9.56 35.36
C HIS A 186 17.19 8.47 35.52
N GLY A 187 18.44 8.79 35.22
CA GLY A 187 19.50 7.78 35.27
C GLY A 187 19.40 6.84 34.09
N GLY A 188 19.97 5.66 34.24
CA GLY A 188 20.04 4.69 33.16
C GLY A 188 21.27 4.93 32.28
N ILE A 189 21.34 4.19 31.18
CA ILE A 189 22.48 4.26 30.28
C ILE A 189 22.17 5.18 29.11
N ILE A 190 23.17 5.92 28.66
CA ILE A 190 23.04 6.76 27.47
C ILE A 190 24.04 6.31 26.40
N SER A 191 23.58 6.36 25.14
CA SER A 191 24.39 5.95 24.00
C SER A 191 25.56 6.93 23.76
N GLU A 192 26.70 6.37 23.37
CA GLU A 192 27.89 7.16 23.03
C GLU A 192 27.52 8.23 21.99
N LEU A 193 26.59 7.88 21.11
CA LEU A 193 26.15 8.74 20.02
C LEU A 193 25.43 9.99 20.51
N PHE A 194 24.66 9.87 21.57
CA PHE A 194 23.90 11.01 22.09
C PHE A 194 24.69 11.82 23.11
N LYS A 195 25.82 11.28 23.58
CA LYS A 195 26.72 12.00 24.47
C LYS A 195 27.38 13.16 23.75
N GLY A 196 27.68 12.96 22.47
CA GLY A 196 28.28 13.99 21.64
C GLY A 196 29.78 14.07 21.79
N GLY A 197 30.37 15.13 21.24
CA GLY A 197 31.81 15.35 21.32
C GLY A 197 32.63 14.40 20.46
N GLN A 198 32.01 13.86 19.42
CA GLN A 198 32.65 12.87 18.55
C GLN A 198 32.84 13.44 17.14
N ASP A 199 33.93 14.17 16.95
CA ASP A 199 34.19 14.82 15.68
C ASP A 199 35.22 14.02 14.88
N ASN A 200 35.51 14.49 13.66
CA ASN A 200 36.53 13.88 12.80
C ASN A 200 36.23 12.43 12.45
N MET A 201 34.95 12.12 12.24
CA MET A 201 34.55 10.78 11.82
C MET A 201 33.92 10.76 10.44
N VAL A 202 33.55 11.93 9.93
CA VAL A 202 33.10 12.03 8.55
C VAL A 202 33.97 13.04 7.79
N THR A 203 34.48 12.61 6.64
CA THR A 203 35.36 13.43 5.81
C THR A 203 34.55 14.29 4.86
N SER A 204 33.61 13.65 4.17
CA SER A 204 32.83 14.31 3.17
C SER A 204 31.36 13.88 3.26
N ILE A 205 30.47 14.80 2.91
CA ILE A 205 29.06 14.50 2.79
C ILE A 205 28.63 14.84 1.38
N THR A 206 28.22 13.83 0.62
CA THR A 206 27.88 14.00 -0.79
C THR A 206 26.47 13.49 -1.08
N THR A 207 25.54 14.42 -1.33
CA THR A 207 24.15 14.06 -1.55
C THR A 207 23.77 14.06 -3.03
N ILE A 208 22.83 13.19 -3.39
CA ILE A 208 22.41 13.03 -4.78
C ILE A 208 20.89 13.04 -4.83
N ALA A 209 20.35 14.07 -5.48
CA ALA A 209 18.90 14.25 -5.58
C ALA A 209 18.23 14.17 -4.20
N THR A 210 18.83 14.83 -3.21
CA THR A 210 18.29 14.81 -1.86
C THR A 210 17.32 15.97 -1.63
N PRO A 211 16.11 15.65 -1.14
CA PRO A 211 15.20 16.73 -0.76
C PRO A 211 15.63 17.41 0.55
N HIS A 212 16.64 18.28 0.45
CA HIS A 212 17.13 19.00 1.62
C HIS A 212 16.06 19.93 2.19
N ASN A 213 15.22 20.46 1.31
CA ASN A 213 14.14 21.38 1.71
C ASN A 213 12.77 20.74 1.56
N GLY A 214 12.72 19.42 1.47
CA GLY A 214 11.47 18.69 1.36
C GLY A 214 10.90 18.72 -0.04
N THR A 215 9.72 18.13 -0.20
CA THR A 215 9.10 17.98 -1.50
C THR A 215 7.57 18.03 -1.38
N HIS A 216 6.91 18.65 -2.36
CA HIS A 216 5.45 18.73 -2.39
C HIS A 216 4.85 17.34 -2.52
N ALA A 217 5.62 16.40 -3.07
CA ALA A 217 5.17 15.02 -3.23
C ALA A 217 4.69 14.44 -1.90
N SER A 218 5.34 14.84 -0.82
CA SER A 218 4.96 14.42 0.52
C SER A 218 3.85 15.31 1.08
N ASP A 219 4.08 16.62 1.06
CA ASP A 219 3.12 17.58 1.59
C ASP A 219 1.70 17.25 1.14
N ASP A 220 1.53 17.15 -0.17
CA ASP A 220 0.21 17.08 -0.79
C ASP A 220 -0.24 15.68 -1.14
N ILE A 221 0.66 14.70 -1.09
CA ILE A 221 0.30 13.34 -1.45
C ILE A 221 0.74 12.30 -0.41
N GLY A 222 2.06 12.12 -0.24
CA GLY A 222 2.61 11.07 0.61
C GLY A 222 2.13 11.11 2.06
N ASN A 223 2.33 12.24 2.72
CA ASN A 223 1.97 12.37 4.13
C ASN A 223 0.54 12.86 4.35
N THR A 224 -0.32 12.65 3.36
CA THR A 224 -1.75 12.86 3.54
C THR A 224 -2.25 11.72 4.39
N PRO A 225 -3.25 11.96 5.24
CA PRO A 225 -3.78 10.87 6.06
C PRO A 225 -4.20 9.62 5.27
N THR A 226 -4.78 9.81 4.09
CA THR A 226 -5.28 8.67 3.30
C THR A 226 -4.18 7.78 2.72
N ILE A 227 -3.15 8.41 2.13
CA ILE A 227 -2.03 7.64 1.56
C ILE A 227 -1.18 6.99 2.64
N ARG A 228 -0.80 7.75 3.67
CA ARG A 228 0.06 7.21 4.72
C ARG A 228 -0.63 6.12 5.53
N ASN A 229 -1.96 6.20 5.65
CA ASN A 229 -2.74 5.12 6.24
C ASN A 229 -2.55 3.84 5.45
N ILE A 230 -2.75 3.92 4.14
CA ILE A 230 -2.60 2.77 3.26
C ILE A 230 -1.20 2.15 3.39
N LEU A 231 -0.18 3.01 3.40
CA LEU A 231 1.21 2.57 3.43
C LEU A 231 1.58 1.89 4.75
N TYR A 232 1.28 2.55 5.87
CA TYR A 232 1.61 2.01 7.19
C TYR A 232 0.80 0.76 7.51
N SER A 233 -0.39 0.66 6.91
CA SER A 233 -1.23 -0.52 7.07
C SER A 233 -0.64 -1.73 6.34
N PHE A 234 -0.13 -1.49 5.13
CA PHE A 234 0.54 -2.54 4.35
C PHE A 234 1.86 -2.96 5.02
N ALA A 235 2.53 -2.01 5.64
CA ALA A 235 3.80 -2.29 6.32
C ALA A 235 3.60 -3.12 7.59
N GLN A 236 2.49 -2.87 8.27
CA GLN A 236 2.15 -3.61 9.48
C GLN A 236 1.71 -5.02 9.13
N MET A 237 0.92 -5.14 8.06
CA MET A 237 0.51 -6.44 7.57
C MET A 237 1.73 -7.24 7.13
N SER A 238 2.67 -6.55 6.46
CA SER A 238 3.89 -7.18 5.96
C SER A 238 4.82 -7.61 7.10
N SER A 239 4.85 -6.83 8.18
CA SER A 239 5.65 -7.16 9.35
C SER A 239 5.07 -8.38 10.09
N HIS A 240 3.75 -8.38 10.26
CA HIS A 240 3.03 -9.46 10.93
C HIS A 240 3.21 -10.80 10.22
N LEU A 241 3.21 -10.76 8.88
CA LEU A 241 3.40 -11.96 8.08
C LEU A 241 4.87 -12.32 7.89
N GLY A 242 5.77 -11.44 8.37
CA GLY A 242 7.21 -11.64 8.22
C GLY A 242 7.60 -11.67 6.75
N THR A 243 6.91 -10.86 5.97
CA THR A 243 6.97 -10.94 4.51
C THR A 243 8.00 -9.93 3.97
N ILE A 244 7.91 -8.69 4.45
CA ILE A 244 8.81 -7.61 4.03
C ILE A 244 9.06 -6.71 5.22
N ASP A 245 10.31 -6.36 5.47
CA ASP A 245 10.64 -5.48 6.59
C ASP A 245 10.71 -4.03 6.10
N PHE A 246 9.69 -3.26 6.42
CA PHE A 246 9.64 -1.84 6.05
C PHE A 246 10.35 -0.97 7.08
N GLY A 247 10.97 -1.61 8.06
CA GLY A 247 11.77 -0.93 9.08
C GLY A 247 10.93 -0.09 10.02
N MET A 248 9.81 -0.66 10.47
CA MET A 248 8.89 0.05 11.34
C MET A 248 8.43 -0.81 12.50
N ASP A 249 9.22 -1.82 12.85
CA ASP A 249 8.82 -2.74 13.92
C ASP A 249 8.90 -2.10 15.30
N HIS A 250 9.70 -1.05 15.43
CA HIS A 250 9.77 -0.28 16.66
C HIS A 250 8.43 0.39 17.00
N TRP A 251 7.48 0.35 16.06
CA TRP A 251 6.14 0.89 16.29
C TRP A 251 5.16 -0.18 16.76
N GLY A 252 5.65 -1.38 17.01
CA GLY A 252 4.83 -2.46 17.56
C GLY A 252 4.11 -3.33 16.55
N PHE A 253 4.63 -3.36 15.32
CA PHE A 253 3.98 -4.10 14.23
C PHE A 253 4.09 -5.61 14.42
N LYS A 254 5.10 -6.04 15.18
CA LYS A 254 5.26 -7.45 15.49
C LYS A 254 4.31 -7.77 16.63
N ARG A 255 3.82 -9.01 16.65
CA ARG A 255 2.88 -9.44 17.70
C ARG A 255 3.61 -10.10 18.85
N LYS A 256 3.34 -9.63 20.07
CA LYS A 256 4.03 -10.14 21.26
C LYS A 256 3.71 -11.61 21.53
N ASP A 257 4.41 -12.18 22.50
CA ASP A 257 4.28 -13.60 22.82
C ASP A 257 3.07 -13.87 23.72
N GLY A 258 2.29 -14.87 23.34
CA GLY A 258 1.06 -15.20 24.05
C GLY A 258 0.11 -14.02 24.01
N GLU A 259 -0.10 -13.49 22.81
CA GLU A 259 -0.98 -12.36 22.61
C GLU A 259 -2.11 -12.72 21.65
N SER A 260 -3.35 -12.57 22.12
CA SER A 260 -4.51 -12.79 21.28
C SER A 260 -4.50 -11.80 20.12
N LEU A 261 -5.17 -12.17 19.03
CA LEU A 261 -5.28 -11.30 17.87
C LEU A 261 -6.02 -10.03 18.23
N THR A 262 -6.98 -10.14 19.14
CA THR A 262 -7.77 -8.99 19.62
C THR A 262 -6.88 -7.91 20.23
N ASP A 263 -6.01 -8.32 21.15
CA ASP A 263 -5.06 -7.41 21.78
C ASP A 263 -4.13 -6.80 20.75
N TYR A 264 -3.67 -7.62 19.81
CA TYR A 264 -2.76 -7.18 18.76
C TYR A 264 -3.37 -6.06 17.91
N ASN A 265 -4.63 -6.26 17.50
CA ASN A 265 -5.34 -5.26 16.72
C ASN A 265 -5.68 -4.03 17.54
N LYS A 266 -5.73 -4.20 18.86
CA LYS A 266 -5.99 -3.09 19.78
C LYS A 266 -4.75 -2.21 19.93
N ARG A 267 -3.58 -2.85 20.04
CA ARG A 267 -2.33 -2.11 20.19
C ARG A 267 -2.01 -1.28 18.94
N ILE A 268 -2.18 -1.90 17.79
CA ILE A 268 -1.90 -1.27 16.52
C ILE A 268 -2.82 -0.08 16.27
N ALA A 269 -4.10 -0.24 16.57
CA ALA A 269 -5.06 0.84 16.40
C ALA A 269 -4.73 2.04 17.29
N GLU A 270 -4.18 1.78 18.46
CA GLU A 270 -3.88 2.83 19.44
C GLU A 270 -2.46 3.35 19.30
N SER A 271 -1.65 2.69 18.47
CA SER A 271 -0.29 3.12 18.20
C SER A 271 -0.28 4.59 17.78
N LYS A 272 0.79 5.30 18.13
CA LYS A 272 0.90 6.72 17.80
C LYS A 272 1.40 6.95 16.37
N ILE A 273 1.55 5.87 15.60
CA ILE A 273 2.17 5.94 14.27
C ILE A 273 1.34 6.72 13.24
N TRP A 274 0.01 6.60 13.32
CA TRP A 274 -0.86 7.16 12.29
C TRP A 274 -0.85 8.68 12.28
N ASP A 275 -0.53 9.30 13.41
CA ASP A 275 -0.52 10.75 13.55
C ASP A 275 0.89 11.32 13.77
N SER A 276 1.89 10.46 13.94
CA SER A 276 3.21 10.90 14.37
C SER A 276 3.98 11.71 13.32
N GLU A 277 4.77 12.67 13.81
CA GLU A 277 5.72 13.40 12.99
C GLU A 277 7.06 12.64 12.92
N ASP A 278 7.17 11.57 13.70
CA ASP A 278 8.37 10.76 13.75
C ASP A 278 8.35 9.71 12.65
N THR A 279 8.18 10.16 11.41
CA THR A 279 8.17 9.27 10.25
C THR A 279 8.94 9.90 9.10
N GLY A 280 9.39 9.06 8.17
CA GLY A 280 10.14 9.53 7.01
C GLY A 280 9.31 10.44 6.13
N LEU A 281 8.02 10.17 6.04
CA LEU A 281 7.13 10.95 5.20
C LEU A 281 7.00 12.39 5.68
N TYR A 282 7.03 12.58 7.00
CA TYR A 282 7.01 13.92 7.57
C TYR A 282 8.34 14.64 7.37
N ASP A 283 9.44 13.88 7.43
CA ASP A 283 10.76 14.46 7.24
C ASP A 283 11.00 14.83 5.78
N LEU A 284 10.18 14.28 4.89
CA LEU A 284 10.25 14.63 3.46
C LEU A 284 9.32 15.79 3.14
N THR A 285 8.56 16.21 4.13
CA THR A 285 7.70 17.37 4.01
C THR A 285 8.56 18.63 4.04
N ARG A 286 8.09 19.74 3.48
CA ARG A 286 8.87 20.98 3.47
C ARG A 286 9.11 21.45 4.90
N GLU A 287 8.05 21.40 5.72
CA GLU A 287 8.13 21.80 7.12
C GLU A 287 9.07 20.92 7.95
N GLY A 288 9.03 19.60 7.69
CA GLY A 288 9.84 18.65 8.45
C GLY A 288 11.30 18.67 8.05
N ALA A 289 11.54 18.86 6.76
CA ALA A 289 12.90 19.02 6.25
C ALA A 289 13.52 20.28 6.86
N GLU A 290 12.71 21.35 7.00
CA GLU A 290 13.18 22.61 7.57
C GLU A 290 13.45 22.50 9.06
N LYS A 291 12.74 21.60 9.74
CA LYS A 291 13.01 21.31 11.15
C LYS A 291 14.40 20.74 11.29
N ILE A 292 14.80 19.92 10.32
CA ILE A 292 16.14 19.34 10.30
C ILE A 292 17.18 20.40 9.92
N ASN A 293 16.82 21.26 8.96
CA ASN A 293 17.70 22.36 8.54
C ASN A 293 18.09 23.26 9.71
N GLN A 294 17.16 23.47 10.64
CA GLN A 294 17.38 24.33 11.79
C GLN A 294 18.23 23.65 12.85
N LYS A 295 18.26 22.32 12.82
CA LYS A 295 19.12 21.55 13.71
C LYS A 295 20.57 21.54 13.22
N THR A 296 20.75 21.30 11.93
CA THR A 296 22.08 21.11 11.37
C THR A 296 22.80 22.43 11.10
N GLU A 297 24.12 22.39 11.23
CA GLU A 297 24.97 23.49 10.80
C GLU A 297 26.23 22.93 10.16
N LEU A 298 26.82 23.71 9.26
CA LEU A 298 27.98 23.27 8.49
C LEU A 298 29.21 23.06 9.37
N ASN A 299 29.90 21.95 9.12
CA ASN A 299 31.16 21.65 9.80
C ASN A 299 32.29 22.17 8.93
N PRO A 300 33.06 23.16 9.43
CA PRO A 300 34.14 23.75 8.62
C PRO A 300 35.23 22.76 8.18
N ASN A 301 35.22 21.54 8.72
CA ASN A 301 36.23 20.53 8.37
C ASN A 301 35.73 19.43 7.43
N ILE A 302 34.48 19.53 7.02
CA ILE A 302 33.87 18.55 6.13
C ILE A 302 33.67 19.15 4.74
N TYR A 303 33.80 18.32 3.71
CA TYR A 303 33.52 18.75 2.35
C TYR A 303 32.10 18.36 1.97
N TYR A 304 31.30 19.35 1.59
CA TYR A 304 29.92 19.10 1.19
C TYR A 304 29.76 19.28 -0.32
N LYS A 305 28.86 18.50 -0.91
CA LYS A 305 28.58 18.57 -2.34
C LYS A 305 27.20 18.01 -2.64
N THR A 306 26.45 18.68 -3.50
CA THR A 306 25.16 18.18 -3.95
C THR A 306 25.14 17.91 -5.44
N TYR A 307 24.46 16.84 -5.84
CA TYR A 307 24.19 16.51 -7.23
C TYR A 307 22.68 16.57 -7.42
N THR A 308 22.26 17.34 -8.43
CA THR A 308 20.84 17.61 -8.65
C THR A 308 20.44 17.25 -10.07
N GLY A 309 19.25 16.69 -10.22
CA GLY A 309 18.73 16.32 -11.52
C GLY A 309 17.45 17.06 -11.84
N VAL A 310 17.18 17.21 -13.12
CA VAL A 310 15.91 17.73 -13.61
C VAL A 310 15.49 16.87 -14.79
N ALA A 311 14.21 16.49 -14.85
CA ALA A 311 13.69 15.67 -15.94
C ALA A 311 12.32 16.17 -16.39
N THR A 312 12.14 17.48 -16.28
CA THR A 312 10.91 18.13 -16.72
C THR A 312 11.28 19.30 -17.60
N HIS A 313 10.32 19.78 -18.39
CA HIS A 313 10.53 20.93 -19.24
C HIS A 313 9.34 21.88 -19.14
N GLU A 314 9.62 23.18 -19.23
CA GLU A 314 8.57 24.20 -19.24
C GLU A 314 7.63 23.97 -20.41
N THR A 315 6.36 24.35 -20.24
CA THR A 315 5.34 24.15 -21.27
C THR A 315 4.40 25.36 -21.30
N GLN A 316 3.13 25.16 -21.64
CA GLN A 316 2.14 26.22 -21.57
C GLN A 316 2.02 26.81 -20.16
N LEU A 317 1.93 28.13 -20.08
CA LEU A 317 1.67 28.82 -18.80
C LEU A 317 2.76 28.69 -17.75
N GLY A 318 3.93 28.17 -18.14
CA GLY A 318 5.04 28.05 -17.20
C GLY A 318 5.02 26.76 -16.39
N LYS A 319 4.02 25.92 -16.61
CA LYS A 319 3.95 24.60 -15.97
C LYS A 319 5.07 23.70 -16.49
N HIS A 320 5.39 22.66 -15.72
CA HIS A 320 6.41 21.70 -16.09
C HIS A 320 5.79 20.31 -16.22
N ILE A 321 6.19 19.57 -17.25
CA ILE A 321 5.71 18.21 -17.45
C ILE A 321 6.89 17.26 -17.64
N ALA A 322 6.69 16.00 -17.27
CA ALA A 322 7.76 15.01 -17.31
C ALA A 322 8.28 14.76 -18.71
N ASP A 323 9.60 14.86 -18.87
CA ASP A 323 10.26 14.50 -20.12
C ASP A 323 9.90 13.08 -20.53
N LEU A 324 9.97 12.81 -21.83
CA LEU A 324 10.04 11.44 -22.29
C LEU A 324 11.26 10.83 -21.62
N GLY A 325 11.13 9.61 -21.14
CA GLY A 325 12.23 8.94 -20.46
C GLY A 325 12.14 9.02 -18.96
N MET A 326 11.20 9.83 -18.45
CA MET A 326 10.90 9.88 -17.02
C MET A 326 10.50 8.50 -16.50
N GLU A 327 11.08 8.09 -15.38
CA GLU A 327 10.81 6.78 -14.81
C GLU A 327 9.31 6.62 -14.60
N PHE A 328 8.80 5.44 -14.95
CA PHE A 328 7.37 5.20 -15.02
C PHE A 328 6.60 5.63 -13.78
N THR A 329 7.09 5.24 -12.59
CA THR A 329 6.35 5.47 -11.36
C THR A 329 6.43 6.92 -10.88
N LYS A 330 7.27 7.72 -11.53
CA LYS A 330 7.50 9.10 -11.11
C LYS A 330 6.79 10.12 -12.01
N ILE A 331 6.13 9.63 -13.08
CA ILE A 331 5.47 10.52 -14.04
C ILE A 331 4.39 11.38 -13.37
N LEU A 332 3.66 10.77 -12.44
CA LEU A 332 2.54 11.43 -11.80
C LEU A 332 3.02 12.53 -10.85
N THR A 333 3.99 12.18 -10.00
CA THR A 333 4.54 13.11 -9.03
C THR A 333 5.34 14.21 -9.70
N GLY A 334 6.02 13.87 -10.79
CA GLY A 334 6.74 14.87 -11.59
C GLY A 334 5.79 15.90 -12.18
N ASN A 335 4.62 15.45 -12.62
CA ASN A 335 3.60 16.34 -13.18
C ASN A 335 2.91 17.20 -12.14
N TYR A 336 2.69 16.64 -10.95
CA TYR A 336 2.06 17.40 -9.87
C TYR A 336 2.96 18.55 -9.41
N ILE A 337 4.23 18.22 -9.16
CA ILE A 337 5.22 19.20 -8.71
C ILE A 337 5.42 20.31 -9.76
N GLY A 338 5.26 19.95 -11.04
CA GLY A 338 5.39 20.93 -12.11
C GLY A 338 4.29 21.98 -12.16
N SER A 339 3.18 21.74 -11.45
CA SER A 339 2.02 22.63 -11.51
C SER A 339 1.71 23.35 -10.18
N VAL A 340 2.55 23.17 -9.17
CA VAL A 340 2.29 23.76 -7.87
C VAL A 340 2.30 25.29 -7.94
N ASP A 341 1.77 25.93 -6.91
CA ASP A 341 1.68 27.39 -6.86
C ASP A 341 3.05 28.01 -6.74
N ASP A 342 3.95 27.35 -6.00
CA ASP A 342 5.31 27.84 -5.81
C ASP A 342 6.12 27.65 -7.10
N ILE A 343 6.14 28.71 -7.91
CA ILE A 343 6.70 28.64 -9.26
C ILE A 343 8.14 28.11 -9.34
N LEU A 344 8.98 28.51 -8.38
CA LEU A 344 10.39 28.11 -8.38
C LEU A 344 10.61 26.61 -8.09
N TRP A 345 9.59 25.94 -7.58
CA TRP A 345 9.70 24.53 -7.20
C TRP A 345 9.30 23.57 -8.32
N ARG A 346 8.89 24.13 -9.46
CA ARG A 346 8.31 23.33 -10.56
C ARG A 346 9.31 22.40 -11.27
N PRO A 347 10.50 22.91 -11.60
CA PRO A 347 11.51 22.01 -12.16
C PRO A 347 11.85 20.92 -11.17
N ASN A 348 11.82 19.66 -11.59
CA ASN A 348 12.03 18.54 -10.66
C ASN A 348 12.48 17.25 -11.34
N ASP A 349 12.96 16.31 -10.54
CA ASP A 349 13.45 15.02 -11.04
C ASP A 349 12.38 13.92 -10.95
N GLY A 350 11.13 14.32 -10.72
CA GLY A 350 10.02 13.38 -10.59
C GLY A 350 9.56 13.23 -9.15
N LEU A 351 10.41 13.66 -8.23
CA LEU A 351 10.12 13.54 -6.79
C LEU A 351 10.62 14.76 -6.03
N VAL A 352 11.79 15.25 -6.40
CA VAL A 352 12.47 16.34 -5.69
C VAL A 352 12.65 17.55 -6.61
N SER A 353 12.28 18.73 -6.12
CA SER A 353 12.44 19.97 -6.88
C SER A 353 13.91 20.37 -6.92
N GLU A 354 14.30 21.09 -7.97
CA GLU A 354 15.69 21.48 -8.15
C GLU A 354 16.23 22.24 -6.94
N ILE A 355 15.54 23.32 -6.55
CA ILE A 355 15.99 24.17 -5.44
C ILE A 355 15.98 23.45 -4.09
N SER A 356 15.26 22.34 -3.98
CA SER A 356 15.29 21.51 -2.77
C SER A 356 16.56 20.66 -2.70
N SER A 357 17.04 20.22 -3.86
CA SER A 357 18.19 19.32 -3.94
C SER A 357 19.54 20.04 -3.90
N GLN A 358 19.55 21.30 -4.33
CA GLN A 358 20.80 22.05 -4.50
C GLN A 358 21.53 22.29 -3.19
N HIS A 359 20.78 22.66 -2.16
CA HIS A 359 21.34 22.81 -0.81
C HIS A 359 20.21 23.06 0.17
N PRO A 360 20.47 22.82 1.47
CA PRO A 360 19.54 23.20 2.52
C PRO A 360 19.45 24.71 2.68
N SER A 361 18.24 25.24 2.77
CA SER A 361 18.06 26.68 2.91
C SER A 361 18.77 27.16 4.18
N ASP A 362 19.17 28.43 4.16
CA ASP A 362 19.87 29.03 5.30
C ASP A 362 21.18 28.34 5.61
N GLU A 363 21.83 27.80 4.59
CA GLU A 363 23.18 27.27 4.74
C GLU A 363 24.05 27.67 3.57
N LYS A 364 25.20 28.22 3.91
CA LYS A 364 26.17 28.74 2.96
C LYS A 364 26.45 27.72 1.83
N ASN A 365 26.43 28.19 0.59
CA ASN A 365 26.64 27.36 -0.59
C ASN A 365 27.46 28.06 -1.68
N ILE A 366 27.89 27.32 -2.69
CA ILE A 366 28.68 27.90 -3.79
C ILE A 366 28.60 27.06 -5.07
N SER A 367 28.43 27.73 -6.20
CA SER A 367 28.40 27.06 -7.50
C SER A 367 29.78 26.60 -7.92
N VAL A 368 29.88 25.31 -8.23
CA VAL A 368 31.12 24.73 -8.70
C VAL A 368 30.79 23.74 -9.80
N ASP A 369 31.82 23.19 -10.43
CA ASP A 369 31.65 22.03 -11.30
C ASP A 369 32.76 21.01 -11.03
N GLU A 370 32.93 20.05 -11.93
CA GLU A 370 33.86 18.95 -11.70
C GLU A 370 35.32 19.37 -11.75
N ASN A 371 35.59 20.55 -12.30
CA ASN A 371 36.96 21.05 -12.39
C ASN A 371 37.23 22.21 -11.43
N SER A 372 36.23 22.58 -10.63
CA SER A 372 36.38 23.63 -9.63
C SER A 372 37.33 23.20 -8.54
N GLU A 373 37.92 24.16 -7.85
CA GLU A 373 38.78 23.89 -6.71
C GLU A 373 37.92 23.48 -5.51
N LEU A 374 38.51 22.70 -4.61
CA LEU A 374 37.80 22.19 -3.43
C LEU A 374 37.51 23.30 -2.43
N HIS A 375 36.36 23.19 -1.76
CA HIS A 375 35.96 24.12 -0.70
C HIS A 375 35.47 23.32 0.50
N LYS A 376 35.97 23.67 1.69
CA LYS A 376 35.50 23.06 2.94
C LYS A 376 34.39 23.90 3.55
N GLY A 377 33.50 23.25 4.31
CA GLY A 377 32.49 23.94 5.10
C GLY A 377 31.41 24.69 4.35
N THR A 378 31.21 24.33 3.08
CA THR A 378 30.20 24.98 2.26
C THR A 378 29.64 23.99 1.25
N TRP A 379 28.32 24.05 1.04
CA TRP A 379 27.66 23.19 0.05
C TRP A 379 28.11 23.52 -1.37
N GLN A 380 28.91 22.63 -1.95
CA GLN A 380 29.37 22.79 -3.32
C GLN A 380 28.29 22.31 -4.28
N VAL A 381 27.59 23.26 -4.88
CA VAL A 381 26.44 22.95 -5.74
C VAL A 381 26.89 22.65 -7.17
N MET A 382 26.67 21.39 -7.59
CA MET A 382 27.06 20.91 -8.90
C MET A 382 26.02 21.36 -9.92
N PRO A 383 26.42 21.55 -11.18
CA PRO A 383 25.44 21.97 -12.18
C PRO A 383 24.30 20.97 -12.32
N THR A 384 23.09 21.46 -12.52
CA THR A 384 21.93 20.59 -12.65
C THR A 384 22.08 19.68 -13.88
N MET A 385 21.84 18.39 -13.68
CA MET A 385 21.99 17.42 -14.75
C MET A 385 20.67 17.22 -15.48
N LYS A 386 20.56 17.86 -16.64
CA LYS A 386 19.37 17.76 -17.48
C LYS A 386 19.21 16.34 -18.01
N GLY A 387 18.04 15.76 -17.79
CA GLY A 387 17.73 14.42 -18.29
C GLY A 387 17.81 13.32 -17.24
N TRP A 388 18.37 13.63 -16.08
CA TRP A 388 18.52 12.64 -15.02
C TRP A 388 17.36 12.76 -14.03
N ASP A 389 16.58 11.69 -13.87
CA ASP A 389 15.50 11.69 -12.87
C ASP A 389 15.89 10.93 -11.61
N HIS A 390 15.06 11.06 -10.59
CA HIS A 390 15.35 10.51 -9.26
C HIS A 390 15.92 9.09 -9.34
N SER A 391 15.39 8.27 -10.24
CA SER A 391 15.80 6.87 -10.34
C SER A 391 17.05 6.67 -11.19
N ASP A 392 17.23 7.49 -12.23
CA ASP A 392 18.39 7.38 -13.11
C ASP A 392 19.71 7.48 -12.34
N PHE A 393 19.75 8.30 -11.30
CA PHE A 393 20.95 8.49 -10.48
C PHE A 393 21.45 7.18 -9.88
N ILE A 394 20.55 6.23 -9.68
CA ILE A 394 20.89 4.93 -9.12
C ILE A 394 20.57 3.78 -10.09
N GLY A 395 20.37 4.10 -11.36
CA GLY A 395 20.15 3.10 -12.41
C GLY A 395 18.83 2.35 -12.35
N ASN A 396 17.86 2.92 -11.63
CA ASN A 396 16.60 2.23 -11.39
C ASN A 396 15.49 2.59 -12.37
N ASP A 397 15.88 2.90 -13.60
CA ASP A 397 14.92 3.12 -14.67
C ASP A 397 15.22 2.17 -15.82
N ALA A 398 14.65 0.98 -15.75
CA ALA A 398 14.92 -0.08 -16.72
C ALA A 398 14.53 0.29 -18.15
N LEU A 399 13.48 1.09 -18.29
CA LEU A 399 12.96 1.44 -19.61
C LEU A 399 13.81 2.51 -20.31
N ASP A 400 14.54 3.30 -19.53
CA ASP A 400 15.32 4.40 -20.08
C ASP A 400 16.61 3.91 -20.72
N THR A 401 16.56 3.71 -22.03
CA THR A 401 17.70 3.25 -22.82
C THR A 401 18.78 4.33 -22.95
N LYS A 402 18.35 5.59 -22.99
CA LYS A 402 19.26 6.73 -23.11
C LYS A 402 20.33 6.74 -22.03
N HIS A 403 19.99 6.29 -20.83
CA HIS A 403 20.95 6.18 -19.73
C HIS A 403 21.56 4.78 -19.66
N SER A 404 22.75 4.64 -20.25
CA SER A 404 23.42 3.35 -20.34
C SER A 404 24.11 2.96 -19.03
N ALA A 405 24.58 1.72 -18.96
CA ALA A 405 25.27 1.22 -17.77
C ALA A 405 26.66 1.85 -17.62
N ILE A 406 27.28 2.22 -18.74
CA ILE A 406 28.60 2.83 -18.71
C ILE A 406 28.55 4.32 -18.35
N GLU A 407 27.44 4.98 -18.67
CA GLU A 407 27.19 6.35 -18.24
C GLU A 407 27.06 6.41 -16.71
N LEU A 408 26.24 5.51 -16.15
CA LEU A 408 26.04 5.42 -14.71
C LEU A 408 27.35 5.11 -13.99
N THR A 409 28.11 4.18 -14.58
CA THR A 409 29.42 3.79 -14.04
C THR A 409 30.41 4.96 -14.07
N ASN A 410 30.38 5.75 -15.14
CA ASN A 410 31.26 6.92 -15.29
C ASN A 410 30.88 8.04 -14.32
N PHE A 411 29.61 8.10 -13.96
CA PHE A 411 29.14 9.09 -13.01
C PHE A 411 29.67 8.82 -11.60
N TYR A 412 29.67 7.56 -11.18
CA TYR A 412 30.17 7.20 -9.85
C TYR A 412 31.70 7.17 -9.82
N HIS A 413 32.31 6.97 -10.98
CA HIS A 413 33.75 7.16 -11.12
C HIS A 413 34.13 8.60 -10.83
N SER A 414 33.36 9.53 -11.37
CA SER A 414 33.60 10.95 -11.19
C SER A 414 33.48 11.35 -9.72
N ILE A 415 32.47 10.83 -9.04
CA ILE A 415 32.25 11.09 -7.63
C ILE A 415 33.45 10.60 -6.82
N SER A 416 33.88 9.38 -7.08
CA SER A 416 34.97 8.76 -6.33
C SER A 416 36.32 9.41 -6.63
N ASP A 417 36.47 9.94 -7.84
CA ASP A 417 37.66 10.71 -8.18
C ASP A 417 37.66 12.02 -7.40
N TYR A 418 36.47 12.59 -7.23
CA TYR A 418 36.31 13.78 -6.42
C TYR A 418 36.63 13.50 -4.95
N LEU A 419 36.30 12.30 -4.47
CA LEU A 419 36.59 11.93 -3.08
C LEU A 419 38.08 11.64 -2.88
N MET A 420 38.75 11.24 -3.94
CA MET A 420 40.20 11.02 -3.90
C MET A 420 40.97 12.33 -3.97
N ARG A 421 40.37 13.34 -4.61
CA ARG A 421 40.93 14.69 -4.59
C ARG A 421 40.95 15.24 -3.18
N ILE A 422 39.89 14.94 -2.43
CA ILE A 422 39.76 15.38 -1.05
C ILE A 422 40.80 14.71 -0.17
N GLU A 423 41.00 13.41 -0.35
CA GLU A 423 41.94 12.68 0.46
C GLU A 423 43.37 13.15 0.20
N LYS A 424 43.64 13.51 -1.05
CA LYS A 424 44.96 14.02 -1.43
C LYS A 424 45.18 15.40 -0.81
N ALA A 425 44.18 16.25 -0.89
CA ALA A 425 44.26 17.61 -0.39
C ALA A 425 44.40 17.66 1.13
N GLU A 426 43.93 16.62 1.82
CA GLU A 426 43.92 16.60 3.28
C GLU A 426 45.20 16.04 3.88
N SER A 427 45.78 15.03 3.24
CA SER A 427 47.02 14.43 3.72
C SER A 427 48.14 15.48 3.83
N THR A 428 48.30 16.27 2.79
CA THR A 428 49.32 17.33 2.77
C THR A 428 48.80 18.59 3.48
N ALA B 42 -12.53 -25.35 11.97
CA ALA B 42 -12.31 -26.82 11.93
C ALA B 42 -13.53 -27.58 11.39
N VAL B 43 -14.69 -27.36 12.02
CA VAL B 43 -15.86 -28.25 11.82
C VAL B 43 -16.31 -28.37 10.37
N GLN B 44 -16.64 -29.59 9.98
CA GLN B 44 -17.10 -29.90 8.62
C GLN B 44 -18.59 -29.61 8.45
N ASN B 45 -19.07 -29.68 7.22
CA ASN B 45 -20.49 -29.54 6.95
C ASN B 45 -21.25 -30.73 7.51
N PRO B 46 -22.49 -30.50 7.99
CA PRO B 46 -23.29 -31.54 8.63
C PRO B 46 -23.56 -32.74 7.73
N GLU B 47 -23.58 -33.92 8.34
CA GLU B 47 -23.94 -35.16 7.66
C GLU B 47 -25.19 -34.91 6.80
N ASN B 48 -26.20 -34.35 7.45
CA ASN B 48 -27.50 -34.09 6.84
C ASN B 48 -27.98 -32.72 7.33
N PRO B 49 -27.76 -31.66 6.53
CA PRO B 49 -28.04 -30.30 6.98
C PRO B 49 -29.54 -29.97 7.10
N LYS B 50 -29.86 -28.87 7.78
CA LYS B 50 -31.25 -28.44 7.97
C LYS B 50 -31.75 -27.63 6.77
N ASN B 51 -30.83 -27.15 5.95
CA ASN B 51 -31.19 -26.42 4.74
C ASN B 51 -30.90 -27.26 3.50
N LYS B 52 -31.84 -27.29 2.56
CA LYS B 52 -31.66 -28.07 1.35
C LYS B 52 -30.95 -27.25 0.26
N ASP B 53 -30.92 -25.94 0.45
CA ASP B 53 -30.09 -25.06 -0.36
C ASP B 53 -28.95 -24.58 0.51
N PRO B 54 -27.70 -24.86 0.09
CA PRO B 54 -26.53 -24.37 0.83
C PRO B 54 -26.42 -22.84 0.94
N PHE B 55 -25.93 -22.37 2.09
CA PHE B 55 -25.58 -20.95 2.23
C PHE B 55 -24.20 -20.72 1.63
N VAL B 56 -24.09 -19.73 0.75
CA VAL B 56 -22.81 -19.40 0.15
C VAL B 56 -22.51 -17.93 0.40
N PHE B 57 -21.49 -17.69 1.21
CA PHE B 57 -21.10 -16.34 1.58
C PHE B 57 -20.06 -15.78 0.60
N VAL B 58 -20.24 -14.52 0.22
CA VAL B 58 -19.36 -13.87 -0.74
C VAL B 58 -18.77 -12.61 -0.12
N HIS B 59 -17.47 -12.65 0.15
CA HIS B 59 -16.76 -11.53 0.77
C HIS B 59 -16.64 -10.36 -0.20
N GLY B 60 -16.28 -9.20 0.35
CA GLY B 60 -16.25 -7.94 -0.40
C GLY B 60 -14.86 -7.48 -0.78
N PHE B 61 -14.62 -6.18 -0.68
CA PHE B 61 -13.40 -5.56 -1.21
C PHE B 61 -12.13 -5.93 -0.44
N THR B 62 -12.14 -5.83 0.89
CA THR B 62 -10.94 -6.23 1.64
C THR B 62 -10.56 -7.65 1.24
N GLY B 63 -11.51 -8.58 1.39
CA GLY B 63 -11.54 -9.85 0.64
C GLY B 63 -10.39 -10.84 0.79
N PHE B 64 -10.43 -11.64 1.84
CA PHE B 64 -9.52 -12.78 1.98
C PHE B 64 -10.13 -13.90 2.83
N VAL B 65 -10.55 -14.99 2.19
CA VAL B 65 -10.99 -16.19 2.91
C VAL B 65 -10.24 -17.44 2.43
N GLY B 66 -10.47 -18.57 3.12
CA GLY B 66 -9.89 -19.85 2.72
C GLY B 66 -8.39 -19.87 2.86
N GLU B 67 -7.69 -20.24 1.79
CA GLU B 67 -6.22 -20.33 1.81
C GLU B 67 -5.52 -19.29 0.93
N VAL B 68 -6.09 -18.08 0.89
CA VAL B 68 -5.36 -16.88 0.49
C VAL B 68 -5.27 -15.92 1.70
N ALA B 69 -5.85 -16.35 2.82
CA ALA B 69 -5.90 -15.54 4.03
C ALA B 69 -4.61 -15.71 4.84
N ALA B 70 -4.39 -14.77 5.75
CA ALA B 70 -3.21 -14.78 6.62
C ALA B 70 -3.36 -15.77 7.80
N LYS B 71 -2.44 -15.70 8.76
CA LYS B 71 -2.45 -16.58 9.95
C LYS B 71 -3.83 -16.72 10.62
N GLY B 72 -4.18 -15.72 11.44
CA GLY B 72 -5.46 -15.72 12.13
C GLY B 72 -6.50 -14.88 11.43
N GLU B 73 -6.24 -14.56 10.16
CA GLU B 73 -7.13 -13.70 9.38
C GLU B 73 -8.43 -14.42 9.04
N ASN B 74 -9.52 -13.93 9.62
CA ASN B 74 -10.85 -14.44 9.37
C ASN B 74 -11.77 -13.30 8.95
N TYR B 75 -12.24 -13.32 7.71
CA TYR B 75 -13.08 -12.26 7.17
C TYR B 75 -14.46 -12.29 7.84
N TRP B 76 -15.09 -13.46 7.83
CA TRP B 76 -16.44 -13.60 8.39
C TRP B 76 -16.40 -13.87 9.89
N GLY B 77 -16.25 -12.79 10.66
CA GLY B 77 -16.24 -12.87 12.12
C GLY B 77 -15.07 -12.17 12.78
N GLY B 78 -13.97 -12.02 12.05
CA GLY B 78 -12.77 -11.40 12.59
C GLY B 78 -12.27 -12.17 13.79
N THR B 79 -11.82 -11.43 14.80
CA THR B 79 -11.33 -12.02 16.06
C THR B 79 -12.47 -12.34 17.01
N LYS B 80 -13.67 -11.89 16.68
CA LYS B 80 -14.81 -12.02 17.58
C LYS B 80 -15.44 -13.41 17.55
N ALA B 81 -15.63 -13.97 16.36
CA ALA B 81 -16.21 -15.31 16.24
C ALA B 81 -15.93 -15.95 14.89
N ASN B 82 -16.03 -17.27 14.85
CA ASN B 82 -15.91 -18.03 13.61
C ASN B 82 -17.31 -18.45 13.18
N LEU B 83 -17.89 -17.69 12.26
CA LEU B 83 -19.27 -17.90 11.82
C LEU B 83 -19.47 -19.22 11.09
N ARG B 84 -18.43 -19.68 10.39
CA ARG B 84 -18.53 -20.93 9.65
C ARG B 84 -18.66 -22.08 10.64
N ASN B 85 -17.78 -22.11 11.64
CA ASN B 85 -17.88 -23.11 12.70
C ASN B 85 -19.23 -23.07 13.38
N HIS B 86 -19.71 -21.85 13.59
CA HIS B 86 -20.94 -21.62 14.35
C HIS B 86 -22.16 -22.09 13.57
N LEU B 87 -22.25 -21.67 12.31
CA LEU B 87 -23.36 -22.05 11.44
C LEU B 87 -23.38 -23.56 11.21
N ARG B 88 -22.20 -24.15 11.07
CA ARG B 88 -22.09 -25.58 10.77
C ARG B 88 -22.46 -26.46 11.96
N LYS B 89 -22.16 -25.99 13.17
CA LYS B 89 -22.59 -26.69 14.39
C LYS B 89 -24.09 -26.58 14.61
N ALA B 90 -24.68 -25.49 14.14
CA ALA B 90 -26.11 -25.26 14.30
C ALA B 90 -26.92 -26.14 13.34
N GLY B 91 -26.22 -26.79 12.41
CA GLY B 91 -26.84 -27.76 11.50
C GLY B 91 -26.87 -27.33 10.04
N TYR B 92 -26.32 -26.16 9.73
CA TYR B 92 -26.38 -25.61 8.38
C TYR B 92 -25.15 -25.91 7.53
N GLU B 93 -25.40 -26.26 6.28
CA GLU B 93 -24.35 -26.44 5.29
C GLU B 93 -24.00 -25.09 4.66
N THR B 94 -22.80 -24.59 4.95
CA THR B 94 -22.36 -23.30 4.44
C THR B 94 -21.07 -23.43 3.63
N TYR B 95 -20.82 -22.43 2.80
CA TYR B 95 -19.55 -22.29 2.09
C TYR B 95 -19.14 -20.82 2.04
N GLU B 96 -17.85 -20.56 2.03
CA GLU B 96 -17.34 -19.19 1.89
C GLU B 96 -16.51 -19.10 0.61
N ALA B 97 -17.08 -18.44 -0.39
CA ALA B 97 -16.41 -18.28 -1.66
C ALA B 97 -15.12 -17.50 -1.49
N SER B 98 -14.13 -17.86 -2.30
CA SER B 98 -12.87 -17.13 -2.35
C SER B 98 -12.77 -16.55 -3.75
N VAL B 99 -12.85 -15.23 -3.85
CA VAL B 99 -12.72 -14.53 -5.12
C VAL B 99 -11.74 -13.37 -4.97
N SER B 100 -11.39 -12.74 -6.10
CA SER B 100 -10.37 -11.71 -6.09
C SER B 100 -10.73 -10.51 -5.21
N ALA B 101 -9.76 -10.03 -4.45
CA ALA B 101 -9.97 -8.88 -3.59
C ALA B 101 -10.18 -7.59 -4.38
N LEU B 102 -9.40 -7.39 -5.43
CA LEU B 102 -9.36 -6.10 -6.13
C LEU B 102 -9.98 -6.10 -7.52
N ALA B 103 -10.31 -7.28 -8.05
CA ALA B 103 -10.82 -7.37 -9.42
C ALA B 103 -12.24 -6.82 -9.55
N SER B 104 -12.68 -6.62 -10.78
CA SER B 104 -14.04 -6.18 -11.06
C SER B 104 -15.06 -7.23 -10.67
N ASN B 105 -16.32 -6.83 -10.61
CA ASN B 105 -17.40 -7.76 -10.27
C ASN B 105 -17.60 -8.82 -11.35
N HIS B 106 -17.32 -8.46 -12.60
CA HIS B 106 -17.35 -9.44 -13.68
C HIS B 106 -16.38 -10.57 -13.37
N GLU B 107 -15.12 -10.22 -13.13
CA GLU B 107 -14.10 -11.20 -12.75
C GLU B 107 -14.57 -12.05 -11.58
N ARG B 108 -14.98 -11.37 -10.50
CA ARG B 108 -15.37 -12.01 -9.26
C ARG B 108 -16.61 -12.88 -9.40
N ALA B 109 -17.51 -12.50 -10.29
CA ALA B 109 -18.74 -13.26 -10.52
C ALA B 109 -18.44 -14.55 -11.27
N VAL B 110 -17.51 -14.47 -12.22
CA VAL B 110 -17.04 -15.65 -12.93
C VAL B 110 -16.30 -16.59 -11.97
N GLU B 111 -15.41 -16.03 -11.15
CA GLU B 111 -14.70 -16.82 -10.16
C GLU B 111 -15.63 -17.53 -9.19
N LEU B 112 -16.72 -16.85 -8.83
CA LEU B 112 -17.72 -17.44 -7.94
C LEU B 112 -18.35 -18.68 -8.57
N TYR B 113 -18.67 -18.59 -9.86
CA TYR B 113 -19.26 -19.70 -10.61
C TYR B 113 -18.36 -20.92 -10.58
N TYR B 114 -17.08 -20.71 -10.85
CA TYR B 114 -16.11 -21.79 -10.86
C TYR B 114 -15.70 -22.24 -9.45
N TYR B 115 -15.81 -21.35 -8.47
CA TYR B 115 -15.54 -21.75 -7.09
C TYR B 115 -16.49 -22.86 -6.69
N LEU B 116 -17.74 -22.74 -7.11
CA LEU B 116 -18.79 -23.70 -6.78
C LEU B 116 -18.73 -24.93 -7.70
N LYS B 117 -18.78 -24.69 -9.01
CA LYS B 117 -18.84 -25.78 -9.98
C LYS B 117 -17.49 -26.44 -10.30
N GLY B 118 -16.40 -25.70 -10.14
CA GLY B 118 -15.06 -26.23 -10.39
C GLY B 118 -14.63 -26.12 -11.85
N GLY B 119 -13.34 -25.91 -12.05
CA GLY B 119 -12.79 -25.84 -13.40
C GLY B 119 -11.89 -24.64 -13.59
N ARG B 120 -11.37 -24.52 -14.81
CA ARG B 120 -10.49 -23.42 -15.17
C ARG B 120 -11.29 -22.14 -15.42
N VAL B 121 -11.09 -21.15 -14.57
CA VAL B 121 -11.80 -19.87 -14.68
C VAL B 121 -11.65 -19.34 -16.10
N ASP B 122 -12.77 -18.91 -16.68
CA ASP B 122 -12.78 -18.35 -18.03
C ASP B 122 -13.50 -17.00 -18.01
N TYR B 123 -12.73 -15.92 -18.09
CA TYR B 123 -13.27 -14.56 -17.94
C TYR B 123 -14.00 -14.05 -19.18
N GLY B 124 -13.93 -14.80 -20.28
CA GLY B 124 -14.58 -14.42 -21.53
C GLY B 124 -13.58 -13.89 -22.55
N ALA B 125 -13.60 -14.46 -23.75
CA ALA B 125 -12.68 -14.04 -24.81
C ALA B 125 -12.88 -12.58 -25.19
N ALA B 126 -14.15 -12.20 -25.38
CA ALA B 126 -14.47 -10.83 -25.78
C ALA B 126 -14.12 -9.83 -24.68
N HIS B 127 -14.67 -10.06 -23.49
CA HIS B 127 -14.39 -9.23 -22.33
C HIS B 127 -12.89 -9.00 -22.13
N SER B 128 -12.12 -10.09 -22.16
CA SER B 128 -10.68 -10.05 -21.96
C SER B 128 -9.99 -9.22 -23.04
N GLU B 129 -10.42 -9.40 -24.28
CA GLU B 129 -9.85 -8.66 -25.40
C GLU B 129 -10.14 -7.18 -25.25
N LYS B 130 -11.36 -6.86 -24.82
CA LYS B 130 -11.80 -5.48 -24.68
C LYS B 130 -11.02 -4.70 -23.61
N TYR B 131 -10.72 -5.35 -22.49
CA TYR B 131 -10.03 -4.66 -21.40
C TYR B 131 -8.52 -4.90 -21.40
N GLY B 132 -8.09 -5.93 -22.12
CA GLY B 132 -6.67 -6.13 -22.37
C GLY B 132 -5.96 -6.92 -21.29
N HIS B 133 -6.61 -7.97 -20.79
CA HIS B 133 -5.98 -8.83 -19.81
C HIS B 133 -6.14 -10.30 -20.17
N GLU B 134 -5.50 -11.16 -19.39
CA GLU B 134 -5.56 -12.60 -19.61
C GLU B 134 -7.01 -13.09 -19.64
N ARG B 135 -7.27 -14.13 -20.42
CA ARG B 135 -8.60 -14.69 -20.53
C ARG B 135 -8.87 -15.73 -19.43
N TYR B 136 -7.88 -16.58 -19.14
CA TYR B 136 -8.06 -17.63 -18.16
C TYR B 136 -7.37 -17.29 -16.84
N GLY B 137 -7.89 -17.84 -15.75
CA GLY B 137 -7.34 -17.60 -14.42
C GLY B 137 -7.10 -18.91 -13.69
N LYS B 138 -7.24 -18.88 -12.37
CA LYS B 138 -6.99 -20.05 -11.54
C LYS B 138 -8.01 -21.12 -11.84
N THR B 139 -7.75 -22.33 -11.37
CA THR B 139 -8.72 -23.40 -11.49
C THR B 139 -9.12 -23.84 -10.08
N TYR B 140 -10.42 -23.83 -9.82
CA TYR B 140 -10.95 -24.21 -8.52
C TYR B 140 -11.27 -25.69 -8.52
N GLU B 141 -11.28 -26.29 -7.35
CA GLU B 141 -11.66 -27.69 -7.19
C GLU B 141 -13.14 -27.85 -7.50
N GLY B 142 -13.96 -26.94 -6.97
CA GLY B 142 -15.41 -27.02 -7.09
C GLY B 142 -16.01 -27.65 -5.85
N VAL B 143 -16.72 -26.86 -5.06
CA VAL B 143 -17.23 -27.32 -3.77
C VAL B 143 -18.69 -27.76 -3.87
N LEU B 144 -19.35 -27.39 -4.95
CA LEU B 144 -20.72 -27.83 -5.23
C LEU B 144 -20.85 -28.16 -6.71
N LYS B 145 -20.26 -29.28 -7.11
CA LYS B 145 -20.26 -29.67 -8.53
C LYS B 145 -21.67 -29.97 -9.02
N ASP B 146 -22.55 -30.37 -8.09
CA ASP B 146 -23.96 -30.67 -8.40
C ASP B 146 -24.87 -29.45 -8.48
N TRP B 147 -24.27 -28.25 -8.51
CA TRP B 147 -25.02 -27.00 -8.53
C TRP B 147 -25.56 -26.71 -9.94
N LYS B 148 -26.82 -27.02 -10.16
CA LYS B 148 -27.46 -26.86 -11.46
C LYS B 148 -28.91 -26.45 -11.24
N PRO B 149 -29.62 -26.08 -12.33
CA PRO B 149 -31.04 -25.76 -12.15
C PRO B 149 -31.78 -26.86 -11.39
N GLY B 150 -32.45 -26.50 -10.29
CA GLY B 150 -33.19 -27.48 -9.48
C GLY B 150 -32.51 -27.84 -8.18
N HIS B 151 -31.21 -27.57 -8.09
CA HIS B 151 -30.48 -27.75 -6.82
C HIS B 151 -29.77 -26.44 -6.51
N PRO B 152 -30.55 -25.41 -6.15
CA PRO B 152 -30.06 -24.03 -6.05
C PRO B 152 -29.31 -23.73 -4.75
N VAL B 153 -28.95 -22.46 -4.58
CA VAL B 153 -28.12 -22.01 -3.48
C VAL B 153 -28.61 -20.67 -2.96
N HIS B 154 -28.50 -20.46 -1.65
CA HIS B 154 -28.70 -19.14 -1.04
C HIS B 154 -27.40 -18.35 -1.15
N PHE B 155 -27.47 -17.14 -1.68
CA PHE B 155 -26.29 -16.27 -1.76
C PHE B 155 -26.37 -15.15 -0.74
N ILE B 156 -25.38 -15.09 0.16
CA ILE B 156 -25.26 -13.99 1.10
C ILE B 156 -23.97 -13.22 0.86
N GLY B 157 -24.10 -11.98 0.42
CA GLY B 157 -22.94 -11.14 0.16
C GLY B 157 -22.81 -9.99 1.14
N HIS B 158 -21.57 -9.67 1.50
CA HIS B 158 -21.27 -8.50 2.31
C HIS B 158 -20.48 -7.50 1.49
N SER B 159 -20.84 -6.23 1.58
CA SER B 159 -20.14 -5.17 0.89
C SER B 159 -20.16 -5.41 -0.62
N MET B 160 -19.01 -5.27 -1.27
CA MET B 160 -18.92 -5.45 -2.72
C MET B 160 -19.35 -6.86 -3.15
N GLY B 161 -19.37 -7.79 -2.19
CA GLY B 161 -19.87 -9.13 -2.46
C GLY B 161 -21.27 -9.11 -3.04
N GLY B 162 -22.12 -8.25 -2.50
CA GLY B 162 -23.50 -8.12 -2.96
C GLY B 162 -23.63 -7.76 -4.43
N GLN B 163 -22.64 -7.05 -4.97
CA GLN B 163 -22.61 -6.72 -6.40
C GLN B 163 -22.23 -7.94 -7.21
N THR B 164 -21.29 -8.73 -6.70
CA THR B 164 -20.81 -9.90 -7.40
C THR B 164 -21.95 -10.89 -7.61
N ILE B 165 -22.66 -11.19 -6.53
CA ILE B 165 -23.79 -12.10 -6.54
C ILE B 165 -24.87 -11.68 -7.54
N ARG B 166 -25.13 -10.38 -7.63
CA ARG B 166 -26.15 -9.87 -8.55
C ARG B 166 -25.72 -10.03 -10.00
N LEU B 167 -24.43 -9.83 -10.25
CA LEU B 167 -23.89 -9.93 -11.61
C LEU B 167 -23.85 -11.39 -12.03
N LEU B 168 -23.47 -12.26 -11.08
CA LEU B 168 -23.44 -13.69 -11.37
C LEU B 168 -24.82 -14.15 -11.78
N GLU B 169 -25.83 -13.76 -11.00
CA GLU B 169 -27.21 -14.14 -11.29
C GLU B 169 -27.62 -13.67 -12.68
N HIS B 170 -27.20 -12.46 -13.04
CA HIS B 170 -27.54 -11.91 -14.36
C HIS B 170 -26.93 -12.73 -15.48
N TYR B 171 -25.71 -13.22 -15.27
CA TYR B 171 -25.03 -14.05 -16.27
C TYR B 171 -25.67 -15.44 -16.36
N LEU B 172 -26.04 -16.00 -15.22
CA LEU B 172 -26.67 -17.32 -15.21
C LEU B 172 -27.91 -17.30 -16.08
N ARG B 173 -28.70 -16.24 -15.91
CA ARG B 173 -30.00 -16.16 -16.53
C ARG B 173 -29.91 -15.77 -18.00
N PHE B 174 -29.18 -14.69 -18.29
CA PHE B 174 -29.15 -14.12 -19.64
C PHE B 174 -27.82 -14.32 -20.39
N GLY B 175 -26.83 -14.91 -19.72
CA GLY B 175 -25.50 -15.05 -20.30
C GLY B 175 -24.87 -13.69 -20.55
N ASP B 176 -24.05 -13.61 -21.59
CA ASP B 176 -23.43 -12.35 -21.99
C ASP B 176 -23.45 -12.29 -23.51
N LYS B 177 -24.20 -11.32 -24.03
CA LYS B 177 -24.46 -11.22 -25.46
C LYS B 177 -23.16 -11.04 -26.26
N ALA B 178 -22.23 -10.28 -25.69
CA ALA B 178 -20.96 -9.99 -26.35
C ALA B 178 -20.15 -11.27 -26.59
N GLU B 179 -20.08 -12.13 -25.59
CA GLU B 179 -19.36 -13.40 -25.70
C GLU B 179 -20.04 -14.29 -26.74
N ILE B 180 -21.37 -14.35 -26.69
CA ILE B 180 -22.12 -15.15 -27.66
C ILE B 180 -21.82 -14.66 -29.08
N ALA B 181 -21.93 -13.34 -29.28
CA ALA B 181 -21.63 -12.75 -30.57
C ALA B 181 -20.19 -13.03 -30.99
N TYR B 182 -19.29 -13.08 -30.01
CA TYR B 182 -17.87 -13.28 -30.28
C TYR B 182 -17.57 -14.67 -30.83
N GLN B 183 -18.14 -15.71 -30.24
CA GLN B 183 -17.87 -17.08 -30.69
C GLN B 183 -18.71 -17.43 -31.93
N GLN B 184 -19.78 -16.69 -32.15
CA GLN B 184 -20.49 -16.76 -33.43
C GLN B 184 -19.60 -16.23 -34.54
N GLN B 185 -18.85 -15.18 -34.24
CA GLN B 185 -18.03 -14.47 -35.21
C GLN B 185 -16.69 -15.15 -35.46
N HIS B 186 -16.14 -15.81 -34.44
CA HIS B 186 -14.79 -16.37 -34.52
C HIS B 186 -14.75 -17.88 -34.35
N GLY B 187 -15.48 -18.37 -33.35
CA GLY B 187 -15.53 -19.80 -33.09
C GLY B 187 -14.93 -20.11 -31.73
N GLY B 188 -14.48 -21.34 -31.56
CA GLY B 188 -13.88 -21.76 -30.32
C GLY B 188 -14.90 -21.94 -29.20
N ILE B 189 -14.43 -22.36 -28.05
CA ILE B 189 -15.30 -22.68 -26.94
C ILE B 189 -15.82 -21.40 -26.29
N ILE B 190 -17.09 -21.43 -25.92
CA ILE B 190 -17.67 -20.43 -25.04
C ILE B 190 -18.11 -21.15 -23.78
N SER B 191 -17.96 -20.49 -22.63
CA SER B 191 -18.23 -21.13 -21.36
C SER B 191 -19.73 -21.33 -21.17
N GLU B 192 -20.10 -22.27 -20.31
CA GLU B 192 -21.50 -22.52 -19.99
C GLU B 192 -22.14 -21.26 -19.41
N LEU B 193 -21.47 -20.67 -18.42
CA LEU B 193 -21.95 -19.48 -17.75
C LEU B 193 -22.48 -18.42 -18.71
N PHE B 194 -21.73 -18.16 -19.77
CA PHE B 194 -22.04 -17.05 -20.67
C PHE B 194 -23.10 -17.41 -21.72
N LYS B 195 -23.37 -18.71 -21.90
CA LYS B 195 -24.42 -19.16 -22.82
C LYS B 195 -25.77 -18.65 -22.36
N GLY B 196 -25.99 -18.68 -21.05
CA GLY B 196 -27.22 -18.17 -20.46
C GLY B 196 -28.28 -19.24 -20.34
N GLY B 197 -29.52 -18.80 -20.15
CA GLY B 197 -30.63 -19.72 -19.98
C GLY B 197 -30.39 -20.69 -18.86
N GLN B 198 -29.85 -20.20 -17.74
CA GLN B 198 -29.57 -21.03 -16.57
C GLN B 198 -30.27 -20.49 -15.32
N ASP B 199 -31.57 -20.78 -15.23
CA ASP B 199 -32.41 -20.28 -14.14
C ASP B 199 -32.45 -21.31 -12.99
N ASN B 200 -33.18 -20.99 -11.93
CA ASN B 200 -33.37 -21.87 -10.78
C ASN B 200 -32.09 -22.35 -10.11
N MET B 201 -31.07 -21.49 -10.05
CA MET B 201 -29.81 -21.84 -9.39
C MET B 201 -29.55 -21.03 -8.13
N VAL B 202 -30.27 -19.92 -7.97
CA VAL B 202 -30.19 -19.14 -6.76
C VAL B 202 -31.60 -18.91 -6.21
N THR B 203 -31.78 -19.28 -4.95
CA THR B 203 -33.06 -19.15 -4.26
C THR B 203 -33.22 -17.75 -3.67
N SER B 204 -32.12 -17.21 -3.15
CA SER B 204 -32.16 -15.94 -2.45
C SER B 204 -30.86 -15.15 -2.63
N ILE B 205 -30.99 -13.84 -2.81
CA ILE B 205 -29.85 -12.94 -2.81
C ILE B 205 -30.00 -12.00 -1.61
N THR B 206 -29.05 -12.07 -0.69
CA THR B 206 -29.11 -11.25 0.53
C THR B 206 -27.82 -10.44 0.68
N THR B 207 -27.95 -9.12 0.67
CA THR B 207 -26.80 -8.24 0.71
C THR B 207 -26.70 -7.49 2.03
N ILE B 208 -25.48 -7.31 2.52
CA ILE B 208 -25.24 -6.65 3.80
C ILE B 208 -24.22 -5.53 3.60
N ALA B 209 -24.67 -4.29 3.79
CA ALA B 209 -23.81 -3.13 3.63
C ALA B 209 -23.22 -3.09 2.23
N THR B 210 -24.04 -3.40 1.23
CA THR B 210 -23.57 -3.44 -0.15
C THR B 210 -23.82 -2.12 -0.86
N PRO B 211 -22.76 -1.58 -1.48
CA PRO B 211 -22.90 -0.35 -2.26
C PRO B 211 -23.57 -0.59 -3.61
N HIS B 212 -24.90 -0.71 -3.61
CA HIS B 212 -25.64 -0.96 -4.84
C HIS B 212 -25.60 0.26 -5.76
N ASN B 213 -25.41 1.44 -5.17
CA ASN B 213 -25.40 2.68 -5.93
C ASN B 213 -24.06 3.39 -5.79
N GLY B 214 -23.04 2.62 -5.43
CA GLY B 214 -21.68 3.13 -5.32
C GLY B 214 -21.44 3.93 -4.05
N THR B 215 -20.25 4.49 -3.95
CA THR B 215 -19.87 5.25 -2.77
C THR B 215 -18.93 6.39 -3.15
N HIS B 216 -19.06 7.51 -2.44
CA HIS B 216 -18.20 8.68 -2.67
C HIS B 216 -16.77 8.40 -2.22
N ALA B 217 -16.59 7.36 -1.42
CA ALA B 217 -15.26 6.95 -0.98
C ALA B 217 -14.39 6.56 -2.18
N SER B 218 -15.01 5.92 -3.16
CA SER B 218 -14.30 5.50 -4.37
C SER B 218 -14.22 6.63 -5.40
N ASP B 219 -15.32 7.36 -5.57
CA ASP B 219 -15.36 8.48 -6.52
C ASP B 219 -14.18 9.40 -6.31
N ASP B 220 -14.07 9.92 -5.09
CA ASP B 220 -13.19 11.04 -4.79
C ASP B 220 -11.86 10.63 -4.12
N ILE B 221 -11.74 9.39 -3.70
CA ILE B 221 -10.51 8.94 -3.02
C ILE B 221 -9.94 7.67 -3.63
N GLY B 222 -10.71 6.58 -3.51
CA GLY B 222 -10.22 5.25 -3.89
C GLY B 222 -9.84 5.11 -5.35
N ASN B 223 -10.73 5.52 -6.25
CA ASN B 223 -10.47 5.40 -7.67
C ASN B 223 -9.79 6.64 -8.21
N THR B 224 -9.12 7.37 -7.34
CA THR B 224 -8.22 8.43 -7.74
C THR B 224 -6.95 7.77 -8.27
N PRO B 225 -6.40 8.28 -9.38
CA PRO B 225 -5.16 7.77 -9.95
C PRO B 225 -4.07 7.56 -8.91
N THR B 226 -3.97 8.47 -7.95
CA THR B 226 -2.95 8.40 -6.91
C THR B 226 -3.11 7.16 -6.03
N ILE B 227 -4.31 6.92 -5.54
CA ILE B 227 -4.55 5.83 -4.60
C ILE B 227 -4.49 4.48 -5.30
N ARG B 228 -5.04 4.40 -6.51
CA ARG B 228 -5.04 3.14 -7.23
C ARG B 228 -3.67 2.81 -7.80
N ASN B 229 -2.83 3.84 -7.98
CA ASN B 229 -1.43 3.63 -8.39
C ASN B 229 -0.62 2.98 -7.27
N ILE B 230 -0.83 3.46 -6.05
CA ILE B 230 -0.20 2.88 -4.88
C ILE B 230 -0.70 1.47 -4.62
N LEU B 231 -2.02 1.29 -4.70
CA LEU B 231 -2.65 0.00 -4.39
C LEU B 231 -2.29 -1.09 -5.39
N TYR B 232 -2.41 -0.78 -6.69
CA TYR B 232 -2.15 -1.80 -7.71
C TYR B 232 -0.67 -2.17 -7.77
N SER B 233 0.21 -1.28 -7.30
CA SER B 233 1.64 -1.59 -7.29
C SER B 233 2.01 -2.44 -6.07
N PHE B 234 1.36 -2.18 -4.93
CA PHE B 234 1.45 -3.10 -3.80
C PHE B 234 1.03 -4.51 -4.23
N ALA B 235 0.04 -4.57 -5.12
CA ALA B 235 -0.53 -5.83 -5.59
C ALA B 235 0.37 -6.53 -6.62
N GLN B 236 1.05 -5.74 -7.44
CA GLN B 236 1.98 -6.27 -8.41
C GLN B 236 3.26 -6.73 -7.72
N MET B 237 3.77 -5.90 -6.82
CA MET B 237 4.93 -6.23 -6.01
C MET B 237 4.68 -7.48 -5.16
N SER B 238 3.43 -7.66 -4.73
CA SER B 238 3.06 -8.83 -3.95
C SER B 238 3.02 -10.10 -4.82
N SER B 239 2.58 -9.93 -6.06
CA SER B 239 2.46 -11.06 -7.00
C SER B 239 3.84 -11.53 -7.47
N HIS B 240 4.67 -10.57 -7.89
CA HIS B 240 6.05 -10.82 -8.28
C HIS B 240 6.78 -11.64 -7.23
N LEU B 241 6.71 -11.19 -5.98
CA LEU B 241 7.41 -11.84 -4.86
C LEU B 241 6.78 -13.17 -4.45
N GLY B 242 5.53 -13.42 -4.84
CA GLY B 242 4.80 -14.59 -4.38
C GLY B 242 4.35 -14.41 -2.94
N THR B 243 4.21 -13.15 -2.54
CA THR B 243 3.87 -12.80 -1.16
C THR B 243 2.36 -12.94 -0.89
N ILE B 244 1.56 -12.17 -1.61
CA ILE B 244 0.12 -12.12 -1.38
C ILE B 244 -0.61 -12.09 -2.71
N ASP B 245 -1.76 -12.75 -2.78
CA ASP B 245 -2.59 -12.72 -3.98
C ASP B 245 -3.73 -11.74 -3.80
N PHE B 246 -3.54 -10.53 -4.30
CA PHE B 246 -4.62 -9.55 -4.35
C PHE B 246 -5.61 -9.91 -5.47
N GLY B 247 -5.30 -10.96 -6.23
CA GLY B 247 -6.21 -11.47 -7.25
C GLY B 247 -6.26 -10.61 -8.49
N MET B 248 -5.09 -10.22 -8.98
CA MET B 248 -5.00 -9.39 -10.18
C MET B 248 -3.94 -9.95 -11.12
N ASP B 249 -3.69 -11.25 -11.03
CA ASP B 249 -2.68 -11.91 -11.86
C ASP B 249 -3.11 -11.99 -13.32
N HIS B 250 -4.39 -11.74 -13.59
CA HIS B 250 -4.88 -11.71 -14.97
C HIS B 250 -4.41 -10.45 -15.71
N TRP B 251 -3.87 -9.49 -14.97
CA TRP B 251 -3.30 -8.28 -15.58
C TRP B 251 -1.81 -8.45 -15.91
N GLY B 252 -1.25 -9.60 -15.58
CA GLY B 252 0.12 -9.94 -15.98
C GLY B 252 1.18 -9.71 -14.91
N PHE B 253 0.77 -9.60 -13.66
CA PHE B 253 1.70 -9.28 -12.58
C PHE B 253 2.73 -10.39 -12.32
N LYS B 254 2.47 -11.60 -12.80
CA LYS B 254 3.42 -12.69 -12.61
C LYS B 254 4.49 -12.64 -13.69
N ARG B 255 5.74 -12.86 -13.30
CA ARG B 255 6.87 -12.81 -14.24
C ARG B 255 7.03 -14.11 -15.00
N LYS B 256 7.02 -14.05 -16.33
CA LYS B 256 7.13 -15.23 -17.19
C LYS B 256 8.52 -15.89 -17.08
N ASP B 257 8.68 -17.06 -17.71
CA ASP B 257 9.87 -17.89 -17.51
C ASP B 257 11.09 -17.33 -18.25
N GLY B 258 12.18 -17.15 -17.50
CA GLY B 258 13.42 -16.64 -18.06
C GLY B 258 13.29 -15.20 -18.51
N GLU B 259 12.32 -14.50 -17.93
CA GLU B 259 12.05 -13.12 -18.31
C GLU B 259 12.89 -12.16 -17.46
N SER B 260 13.67 -11.32 -18.13
CA SER B 260 14.49 -10.31 -17.44
C SER B 260 13.59 -9.22 -16.88
N LEU B 261 14.09 -8.55 -15.85
CA LEU B 261 13.33 -7.50 -15.17
C LEU B 261 13.01 -6.34 -16.10
N THR B 262 13.81 -6.19 -17.15
CA THR B 262 13.59 -5.14 -18.14
C THR B 262 12.32 -5.40 -18.94
N ASP B 263 12.18 -6.63 -19.46
CA ASP B 263 10.98 -7.02 -20.18
C ASP B 263 9.77 -6.99 -19.25
N TYR B 264 10.00 -7.37 -17.99
CA TYR B 264 8.93 -7.46 -16.99
C TYR B 264 8.37 -6.09 -16.66
N ASN B 265 9.26 -5.11 -16.46
CA ASN B 265 8.85 -3.73 -16.19
C ASN B 265 8.20 -3.09 -17.42
N LYS B 266 8.58 -3.54 -18.61
CA LYS B 266 8.04 -3.00 -19.84
C LYS B 266 6.60 -3.45 -20.06
N ARG B 267 6.32 -4.70 -19.67
CA ARG B 267 4.96 -5.24 -19.76
C ARG B 267 4.05 -4.56 -18.76
N ILE B 268 4.57 -4.34 -17.57
CA ILE B 268 3.79 -3.79 -16.47
C ILE B 268 3.48 -2.31 -16.66
N ALA B 269 4.40 -1.57 -17.27
CA ALA B 269 4.15 -0.18 -17.62
C ALA B 269 3.08 -0.10 -18.71
N GLU B 270 3.21 -0.98 -19.69
CA GLU B 270 2.31 -1.02 -20.83
C GLU B 270 0.93 -1.62 -20.51
N SER B 271 0.78 -2.18 -19.32
CA SER B 271 -0.50 -2.73 -18.90
C SER B 271 -1.59 -1.67 -18.90
N LYS B 272 -2.79 -2.05 -19.32
CA LYS B 272 -3.93 -1.14 -19.33
C LYS B 272 -4.59 -1.02 -17.96
N ILE B 273 -4.00 -1.69 -16.97
CA ILE B 273 -4.61 -1.81 -15.65
C ILE B 273 -4.76 -0.45 -14.95
N TRP B 274 -3.83 0.46 -15.20
CA TRP B 274 -3.80 1.75 -14.51
C TRP B 274 -4.94 2.67 -14.98
N ASP B 275 -5.45 2.43 -16.17
CA ASP B 275 -6.51 3.26 -16.75
C ASP B 275 -7.85 2.54 -16.89
N SER B 276 -7.87 1.24 -16.57
CA SER B 276 -9.01 0.40 -16.88
C SER B 276 -10.21 0.64 -15.98
N GLU B 277 -11.41 0.53 -16.56
CA GLU B 277 -12.65 0.51 -15.82
C GLU B 277 -12.96 -0.91 -15.33
N ASP B 278 -12.19 -1.89 -15.80
CA ASP B 278 -12.37 -3.27 -15.39
C ASP B 278 -11.68 -3.52 -14.05
N THR B 279 -12.09 -2.78 -13.03
CA THR B 279 -11.52 -2.91 -11.70
C THR B 279 -12.61 -2.79 -10.64
N GLY B 280 -12.35 -3.35 -9.45
CA GLY B 280 -13.30 -3.28 -8.35
C GLY B 280 -13.58 -1.85 -7.92
N LEU B 281 -12.53 -1.04 -7.89
CA LEU B 281 -12.67 0.35 -7.47
C LEU B 281 -13.63 1.13 -8.36
N TYR B 282 -13.56 0.92 -9.67
CA TYR B 282 -14.49 1.59 -10.57
C TYR B 282 -15.92 1.10 -10.34
N ASP B 283 -16.08 -0.20 -10.07
CA ASP B 283 -17.41 -0.77 -9.79
C ASP B 283 -17.99 -0.26 -8.46
N LEU B 284 -17.13 0.27 -7.59
CA LEU B 284 -17.55 0.85 -6.32
C LEU B 284 -17.91 2.33 -6.47
N THR B 285 -17.55 2.89 -7.62
CA THR B 285 -17.93 4.25 -7.98
C THR B 285 -19.43 4.27 -8.26
N ARG B 286 -20.07 5.42 -8.08
CA ARG B 286 -21.52 5.52 -8.33
C ARG B 286 -21.84 5.26 -9.80
N GLU B 287 -21.00 5.80 -10.68
CA GLU B 287 -21.14 5.59 -12.11
C GLU B 287 -20.98 4.11 -12.50
N GLY B 288 -19.97 3.45 -11.96
CA GLY B 288 -19.73 2.04 -12.25
C GLY B 288 -20.80 1.15 -11.64
N ALA B 289 -21.21 1.49 -10.42
CA ALA B 289 -22.29 0.78 -9.76
C ALA B 289 -23.60 0.96 -10.52
N GLU B 290 -23.78 2.13 -11.13
CA GLU B 290 -24.98 2.41 -11.92
C GLU B 290 -24.99 1.65 -13.25
N LYS B 291 -23.81 1.37 -13.79
CA LYS B 291 -23.71 0.55 -15.00
C LYS B 291 -24.17 -0.88 -14.72
N ILE B 292 -23.85 -1.38 -13.53
CA ILE B 292 -24.30 -2.71 -13.12
C ILE B 292 -25.81 -2.72 -12.86
N ASN B 293 -26.34 -1.60 -12.37
CA ASN B 293 -27.78 -1.45 -12.16
C ASN B 293 -28.58 -1.55 -13.46
N GLN B 294 -28.04 -0.95 -14.52
CA GLN B 294 -28.67 -0.98 -15.85
C GLN B 294 -28.74 -2.38 -16.46
N LYS B 295 -27.73 -3.22 -16.18
CA LYS B 295 -27.71 -4.60 -16.68
C LYS B 295 -28.68 -5.47 -15.89
N THR B 296 -28.63 -5.35 -14.57
CA THR B 296 -29.42 -6.22 -13.69
C THR B 296 -30.90 -5.85 -13.68
N GLU B 297 -31.74 -6.88 -13.62
CA GLU B 297 -33.15 -6.70 -13.32
C GLU B 297 -33.59 -7.78 -12.34
N LEU B 298 -34.72 -7.55 -11.69
CA LEU B 298 -35.20 -8.46 -10.65
C LEU B 298 -35.79 -9.74 -11.23
N ASN B 299 -35.39 -10.86 -10.67
CA ASN B 299 -35.95 -12.16 -11.00
C ASN B 299 -37.23 -12.35 -10.21
N PRO B 300 -38.37 -12.52 -10.90
CA PRO B 300 -39.64 -12.66 -10.17
C PRO B 300 -39.69 -13.86 -9.23
N ASN B 301 -38.84 -14.85 -9.44
CA ASN B 301 -38.83 -16.05 -8.59
C ASN B 301 -37.69 -16.08 -7.57
N ILE B 302 -37.11 -14.93 -7.27
CA ILE B 302 -36.01 -14.87 -6.30
C ILE B 302 -36.32 -13.94 -5.13
N TYR B 303 -35.99 -14.39 -3.92
CA TYR B 303 -36.12 -13.55 -2.73
C TYR B 303 -34.89 -12.67 -2.55
N TYR B 304 -35.09 -11.36 -2.65
CA TYR B 304 -34.02 -10.37 -2.42
C TYR B 304 -34.16 -9.70 -1.06
N LYS B 305 -33.05 -9.32 -0.46
CA LYS B 305 -33.05 -8.64 0.83
C LYS B 305 -31.76 -7.88 1.06
N THR B 306 -31.86 -6.70 1.64
CA THR B 306 -30.69 -5.92 2.00
C THR B 306 -30.69 -5.66 3.50
N TYR B 307 -29.49 -5.58 4.06
CA TYR B 307 -29.29 -5.11 5.43
C TYR B 307 -28.42 -3.88 5.32
N THR B 308 -28.65 -2.91 6.20
CA THR B 308 -27.96 -1.62 6.13
C THR B 308 -27.59 -1.15 7.53
N GLY B 309 -26.38 -0.60 7.66
CA GLY B 309 -25.91 -0.07 8.93
C GLY B 309 -25.66 1.42 8.82
N VAL B 310 -25.71 2.11 9.95
CA VAL B 310 -25.33 3.54 10.00
C VAL B 310 -24.62 3.82 11.32
N ALA B 311 -23.37 4.26 11.24
CA ALA B 311 -22.57 4.58 12.42
C ALA B 311 -22.13 6.04 12.42
N THR B 312 -22.91 6.90 11.77
CA THR B 312 -22.66 8.34 11.78
C THR B 312 -23.87 9.07 12.35
N HIS B 313 -23.64 10.28 12.85
CA HIS B 313 -24.71 11.09 13.41
C HIS B 313 -24.65 12.49 12.80
N GLU B 314 -25.78 13.19 12.85
CA GLU B 314 -25.89 14.53 12.28
C GLU B 314 -25.27 15.59 13.19
N THR B 315 -24.81 16.68 12.57
CA THR B 315 -24.24 17.82 13.27
C THR B 315 -25.24 18.99 13.20
N GLN B 316 -25.07 19.97 14.07
CA GLN B 316 -25.92 21.16 14.06
C GLN B 316 -25.89 21.88 12.71
N LEU B 317 -24.80 21.70 11.96
CA LEU B 317 -24.67 22.30 10.64
C LEU B 317 -25.11 21.38 9.50
N GLY B 318 -25.49 20.15 9.82
CA GLY B 318 -26.04 19.23 8.82
C GLY B 318 -25.12 18.07 8.44
N LYS B 319 -23.81 18.27 8.60
CA LYS B 319 -22.81 17.24 8.28
C LYS B 319 -22.96 16.01 9.16
N HIS B 320 -22.54 14.86 8.65
CA HIS B 320 -22.48 13.63 9.44
C HIS B 320 -21.03 13.32 9.79
N ILE B 321 -20.77 12.98 11.05
CA ILE B 321 -19.43 12.56 11.49
C ILE B 321 -19.53 11.20 12.18
N ALA B 322 -18.42 10.46 12.15
CA ALA B 322 -18.38 9.13 12.71
C ALA B 322 -18.73 9.13 14.20
N ASP B 323 -19.48 8.13 14.63
CA ASP B 323 -19.81 7.95 16.04
C ASP B 323 -18.58 7.41 16.76
N LEU B 324 -18.64 7.41 18.09
CA LEU B 324 -17.70 6.63 18.88
C LEU B 324 -17.95 5.17 18.55
N GLY B 325 -16.88 4.41 18.35
CA GLY B 325 -17.00 2.99 18.03
C GLY B 325 -16.86 2.74 16.54
N MET B 326 -16.68 3.81 15.78
CA MET B 326 -16.46 3.68 14.35
C MET B 326 -15.13 2.97 14.12
N GLU B 327 -15.15 1.86 13.40
CA GLU B 327 -13.94 1.08 13.16
C GLU B 327 -12.82 1.97 12.65
N PHE B 328 -11.62 1.65 13.10
CA PHE B 328 -10.46 2.52 12.94
C PHE B 328 -10.21 2.98 11.50
N THR B 329 -10.33 2.06 10.55
CA THR B 329 -9.95 2.36 9.16
C THR B 329 -11.05 3.07 8.38
N LYS B 330 -12.23 3.21 8.98
CA LYS B 330 -13.37 3.78 8.27
C LYS B 330 -13.71 5.20 8.74
N ILE B 331 -13.03 5.67 9.78
CA ILE B 331 -13.32 7.00 10.34
C ILE B 331 -13.15 8.10 9.31
N LEU B 332 -12.06 8.04 8.56
CA LEU B 332 -11.72 9.08 7.60
C LEU B 332 -12.69 9.09 6.43
N THR B 333 -12.94 7.91 5.87
CA THR B 333 -13.89 7.77 4.76
C THR B 333 -15.31 8.13 5.21
N GLY B 334 -15.67 7.70 6.42
CA GLY B 334 -16.97 8.02 6.97
C GLY B 334 -17.21 9.50 7.16
N ASN B 335 -16.19 10.21 7.62
CA ASN B 335 -16.27 11.66 7.78
C ASN B 335 -16.43 12.35 6.43
N TYR B 336 -15.74 11.83 5.42
CA TYR B 336 -15.77 12.44 4.10
C TYR B 336 -17.13 12.25 3.44
N ILE B 337 -17.65 11.03 3.49
CA ILE B 337 -18.98 10.74 2.95
C ILE B 337 -20.01 11.67 3.60
N GLY B 338 -19.84 11.91 4.90
CA GLY B 338 -20.78 12.73 5.66
C GLY B 338 -20.74 14.22 5.37
N SER B 339 -19.82 14.66 4.53
CA SER B 339 -19.68 16.08 4.19
C SER B 339 -20.00 16.39 2.73
N VAL B 340 -20.33 15.37 1.93
CA VAL B 340 -20.58 15.56 0.50
C VAL B 340 -21.81 16.44 0.24
N ASP B 341 -21.91 16.98 -0.97
CA ASP B 341 -22.96 17.94 -1.31
C ASP B 341 -24.29 17.28 -1.55
N ASP B 342 -24.26 16.06 -2.09
CA ASP B 342 -25.44 15.22 -2.20
C ASP B 342 -25.85 14.87 -0.78
N ILE B 343 -26.78 15.65 -0.22
CA ILE B 343 -27.09 15.62 1.21
C ILE B 343 -27.70 14.30 1.71
N LEU B 344 -28.46 13.60 0.87
CA LEU B 344 -29.07 12.33 1.25
C LEU B 344 -28.07 11.18 1.38
N TRP B 345 -26.86 11.39 0.86
CA TRP B 345 -25.81 10.35 0.89
C TRP B 345 -24.92 10.44 2.13
N ARG B 346 -25.22 11.36 3.04
CA ARG B 346 -24.33 11.63 4.17
C ARG B 346 -24.34 10.54 5.25
N PRO B 347 -25.52 10.08 5.68
CA PRO B 347 -25.53 8.97 6.64
C PRO B 347 -24.84 7.73 6.05
N ASN B 348 -23.85 7.19 6.76
CA ASN B 348 -23.08 6.07 6.25
C ASN B 348 -22.55 5.14 7.34
N ASP B 349 -22.00 4.01 6.92
CA ASP B 349 -21.41 3.04 7.84
C ASP B 349 -19.88 3.08 7.79
N GLY B 350 -19.34 4.17 7.26
CA GLY B 350 -17.90 4.33 7.15
C GLY B 350 -17.37 4.12 5.74
N LEU B 351 -18.23 3.59 4.87
CA LEU B 351 -17.82 3.24 3.51
C LEU B 351 -18.97 3.35 2.53
N VAL B 352 -20.15 2.92 2.97
CA VAL B 352 -21.35 2.91 2.15
C VAL B 352 -22.41 3.82 2.75
N SER B 353 -23.06 4.60 1.89
CA SER B 353 -24.15 5.47 2.31
C SER B 353 -25.44 4.66 2.43
N GLU B 354 -26.33 5.11 3.31
CA GLU B 354 -27.56 4.40 3.60
C GLU B 354 -28.39 4.14 2.34
N ILE B 355 -28.56 5.17 1.51
CA ILE B 355 -29.38 5.04 0.31
C ILE B 355 -28.67 4.27 -0.79
N SER B 356 -27.39 3.99 -0.59
CA SER B 356 -26.67 3.10 -1.49
C SER B 356 -26.87 1.64 -1.09
N SER B 357 -26.88 1.38 0.22
CA SER B 357 -27.00 0.02 0.75
C SER B 357 -28.43 -0.52 0.67
N GLN B 358 -29.41 0.37 0.75
CA GLN B 358 -30.82 -0.03 0.85
C GLN B 358 -31.31 -0.83 -0.35
N HIS B 359 -31.03 -0.34 -1.55
CA HIS B 359 -31.41 -1.03 -2.78
C HIS B 359 -30.83 -0.33 -3.99
N PRO B 360 -30.62 -1.07 -5.09
CA PRO B 360 -30.23 -0.44 -6.35
C PRO B 360 -31.26 0.60 -6.76
N SER B 361 -30.81 1.72 -7.32
CA SER B 361 -31.69 2.85 -7.56
C SER B 361 -32.99 2.49 -8.29
N ASP B 362 -32.92 2.22 -9.59
CA ASP B 362 -34.14 2.04 -10.37
C ASP B 362 -34.77 0.66 -10.29
N GLU B 363 -34.57 -0.04 -9.16
CA GLU B 363 -35.17 -1.36 -8.97
C GLU B 363 -36.21 -1.40 -7.85
N LYS B 364 -37.27 -2.15 -8.09
CA LYS B 364 -38.41 -2.26 -7.17
C LYS B 364 -37.93 -2.61 -5.76
N ASN B 365 -38.67 -2.14 -4.75
CA ASN B 365 -38.30 -2.38 -3.36
C ASN B 365 -39.47 -2.11 -2.40
N ILE B 366 -39.40 -2.72 -1.21
CA ILE B 366 -40.44 -2.54 -0.20
C ILE B 366 -39.84 -2.62 1.22
N SER B 367 -40.34 -1.78 2.12
CA SER B 367 -39.87 -1.78 3.51
C SER B 367 -40.49 -2.95 4.27
N VAL B 368 -39.67 -3.66 5.02
CA VAL B 368 -40.13 -4.79 5.81
C VAL B 368 -39.37 -4.84 7.13
N ASP B 369 -39.66 -5.85 7.94
CA ASP B 369 -38.80 -6.18 9.09
C ASP B 369 -38.78 -7.71 9.26
N GLU B 370 -38.30 -8.17 10.40
CA GLU B 370 -38.07 -9.61 10.59
C GLU B 370 -39.35 -10.43 10.71
N ASN B 371 -40.49 -9.77 10.98
CA ASN B 371 -41.78 -10.45 11.11
C ASN B 371 -42.66 -10.30 9.85
N SER B 372 -42.23 -9.46 8.92
CA SER B 372 -43.01 -9.17 7.74
C SER B 372 -43.17 -10.40 6.86
N GLU B 373 -44.22 -10.42 6.05
CA GLU B 373 -44.43 -11.51 5.12
C GLU B 373 -43.35 -11.50 4.03
N LEU B 374 -43.11 -12.66 3.44
CA LEU B 374 -42.08 -12.79 2.42
C LEU B 374 -42.59 -12.32 1.07
N HIS B 375 -41.79 -11.51 0.39
CA HIS B 375 -42.12 -11.03 -0.95
C HIS B 375 -41.03 -11.44 -1.92
N LYS B 376 -41.44 -12.04 -3.03
CA LYS B 376 -40.52 -12.44 -4.09
C LYS B 376 -40.35 -11.30 -5.09
N GLY B 377 -39.29 -11.37 -5.89
CA GLY B 377 -39.09 -10.46 -6.99
C GLY B 377 -39.07 -8.98 -6.62
N THR B 378 -38.60 -8.68 -5.41
CA THR B 378 -38.49 -7.30 -4.97
C THR B 378 -37.53 -7.17 -3.77
N TRP B 379 -36.78 -6.07 -3.74
CA TRP B 379 -35.81 -5.83 -2.68
C TRP B 379 -36.50 -5.57 -1.34
N GLN B 380 -36.37 -6.53 -0.42
CA GLN B 380 -36.92 -6.39 0.91
C GLN B 380 -35.94 -5.61 1.78
N VAL B 381 -36.27 -4.34 2.04
CA VAL B 381 -35.38 -3.41 2.74
C VAL B 381 -35.59 -3.49 4.25
N MET B 382 -34.54 -3.84 4.96
CA MET B 382 -34.58 -4.03 6.40
C MET B 382 -34.32 -2.68 7.08
N PRO B 383 -34.87 -2.48 8.29
CA PRO B 383 -34.64 -1.20 8.93
C PRO B 383 -33.16 -0.99 9.24
N THR B 384 -32.64 0.18 8.94
CA THR B 384 -31.24 0.49 9.14
C THR B 384 -30.85 0.21 10.60
N MET B 385 -29.70 -0.41 10.79
CA MET B 385 -29.23 -0.79 12.11
C MET B 385 -28.28 0.28 12.68
N LYS B 386 -28.81 1.12 13.56
CA LYS B 386 -28.02 2.14 14.22
C LYS B 386 -26.85 1.51 14.96
N GLY B 387 -25.65 2.02 14.72
CA GLY B 387 -24.46 1.59 15.46
C GLY B 387 -23.67 0.46 14.82
N TRP B 388 -24.06 0.06 13.62
CA TRP B 388 -23.34 -1.00 12.92
C TRP B 388 -22.55 -0.40 11.77
N ASP B 389 -21.22 -0.45 11.87
CA ASP B 389 -20.39 0.01 10.77
C ASP B 389 -20.10 -1.10 9.78
N HIS B 390 -19.50 -0.74 8.65
CA HIS B 390 -19.19 -1.69 7.59
C HIS B 390 -18.51 -2.95 8.15
N SER B 391 -17.56 -2.74 9.07
CA SER B 391 -16.74 -3.81 9.62
C SER B 391 -17.44 -4.61 10.73
N ASP B 392 -18.39 -3.99 11.41
CA ASP B 392 -19.12 -4.65 12.49
C ASP B 392 -19.97 -5.81 11.97
N PHE B 393 -20.54 -5.66 10.78
CA PHE B 393 -21.37 -6.70 10.19
C PHE B 393 -20.62 -8.03 10.08
N ILE B 394 -19.29 -7.98 9.98
CA ILE B 394 -18.48 -9.18 9.85
C ILE B 394 -17.48 -9.35 11.02
N GLY B 395 -17.69 -8.60 12.09
CA GLY B 395 -16.90 -8.76 13.31
C GLY B 395 -15.47 -8.27 13.25
N ASN B 396 -15.16 -7.44 12.27
CA ASN B 396 -13.78 -6.95 12.07
C ASN B 396 -13.51 -5.59 12.73
N ASP B 397 -14.07 -5.39 13.92
CA ASP B 397 -13.77 -4.21 14.72
C ASP B 397 -13.41 -4.67 16.14
N ALA B 398 -12.12 -4.82 16.39
CA ALA B 398 -11.64 -5.37 17.65
C ALA B 398 -11.84 -4.40 18.83
N LEU B 399 -11.70 -3.10 18.57
CA LEU B 399 -11.83 -2.10 19.63
C LEU B 399 -13.26 -1.95 20.14
N ASP B 400 -14.24 -2.18 19.28
CA ASP B 400 -15.64 -1.95 19.61
C ASP B 400 -16.18 -3.04 20.54
N THR B 401 -16.18 -2.76 21.83
CA THR B 401 -16.63 -3.71 22.84
C THR B 401 -18.15 -3.87 22.86
N LYS B 402 -18.88 -2.80 22.52
CA LYS B 402 -20.34 -2.86 22.43
C LYS B 402 -20.80 -4.09 21.64
N HIS B 403 -20.21 -4.29 20.46
CA HIS B 403 -20.58 -5.41 19.59
C HIS B 403 -19.89 -6.71 20.00
N SER B 404 -20.56 -7.42 20.90
CA SER B 404 -20.07 -8.70 21.41
C SER B 404 -20.02 -9.77 20.33
N ALA B 405 -19.42 -10.90 20.67
CA ALA B 405 -19.41 -12.05 19.78
C ALA B 405 -20.81 -12.62 19.64
N ILE B 406 -21.51 -12.71 20.76
CA ILE B 406 -22.84 -13.30 20.77
C ILE B 406 -23.83 -12.47 19.95
N GLU B 407 -23.67 -11.16 19.97
CA GLU B 407 -24.54 -10.29 19.18
C GLU B 407 -24.38 -10.59 17.69
N LEU B 408 -23.12 -10.73 17.26
CA LEU B 408 -22.79 -11.06 15.87
C LEU B 408 -23.31 -12.44 15.47
N THR B 409 -23.16 -13.40 16.37
CA THR B 409 -23.62 -14.75 16.15
C THR B 409 -25.15 -14.79 16.08
N ASN B 410 -25.80 -13.96 16.89
CA ASN B 410 -27.26 -13.90 16.94
C ASN B 410 -27.83 -13.22 15.70
N PHE B 411 -27.06 -12.30 15.13
CA PHE B 411 -27.46 -11.61 13.91
C PHE B 411 -27.48 -12.56 12.71
N TYR B 412 -26.50 -13.46 12.65
CA TYR B 412 -26.42 -14.46 11.57
C TYR B 412 -27.40 -15.61 11.77
N HIS B 413 -27.79 -15.84 13.02
CA HIS B 413 -28.90 -16.72 13.33
C HIS B 413 -30.18 -16.18 12.70
N SER B 414 -30.34 -14.87 12.80
CA SER B 414 -31.49 -14.17 12.27
C SER B 414 -31.57 -14.30 10.74
N ILE B 415 -30.43 -14.22 10.08
CA ILE B 415 -30.38 -14.35 8.63
C ILE B 415 -30.69 -15.79 8.22
N SER B 416 -30.09 -16.75 8.90
CA SER B 416 -30.30 -18.15 8.59
C SER B 416 -31.74 -18.58 8.90
N ASP B 417 -32.37 -17.92 9.86
CA ASP B 417 -33.78 -18.16 10.15
C ASP B 417 -34.64 -17.66 9.00
N TYR B 418 -34.34 -16.45 8.54
CA TYR B 418 -35.02 -15.85 7.39
C TYR B 418 -34.92 -16.74 6.14
N LEU B 419 -33.77 -17.36 5.96
CA LEU B 419 -33.56 -18.25 4.82
C LEU B 419 -34.35 -19.55 4.97
N MET B 420 -34.54 -20.01 6.20
CA MET B 420 -35.34 -21.21 6.47
C MET B 420 -36.83 -20.93 6.22
N ARG B 421 -37.28 -19.74 6.57
CA ARG B 421 -38.64 -19.34 6.27
C ARG B 421 -38.90 -19.42 4.77
N ILE B 422 -37.91 -19.06 3.97
CA ILE B 422 -38.02 -19.11 2.52
C ILE B 422 -38.14 -20.55 2.04
N GLU B 423 -37.31 -21.43 2.61
CA GLU B 423 -37.31 -22.83 2.22
C GLU B 423 -38.63 -23.51 2.54
N LYS B 424 -39.25 -23.13 3.65
CA LYS B 424 -40.54 -23.69 4.07
C LYS B 424 -41.64 -23.29 3.08
N ALA B 425 -41.71 -21.99 2.79
CA ALA B 425 -42.68 -21.45 1.85
C ALA B 425 -42.57 -22.15 0.49
N GLU B 426 -41.35 -22.38 0.03
CA GLU B 426 -41.15 -23.01 -1.27
C GLU B 426 -41.50 -24.49 -1.21
N SER B 427 -40.94 -25.21 -0.24
CA SER B 427 -41.28 -26.61 -0.04
C SER B 427 -42.62 -26.69 0.69
ZN ZN C . 11.58 7.73 16.49
CA CA D . 14.72 8.20 -16.69
ZN ZN E . -11.94 -8.29 -16.65
CA CA F . -17.89 -0.30 15.28
#